data_8RLC
#
_entry.id   8RLC
#
_cell.length_a   1.00
_cell.length_b   1.00
_cell.length_c   1.00
_cell.angle_alpha   90.00
_cell.angle_beta   90.00
_cell.angle_gamma   90.00
#
_symmetry.space_group_name_H-M   'P 1'
#
loop_
_entity.id
_entity.type
_entity.pdbx_description
1 polymer 'Green fluorescent protein'
2 polymer 'Gluebody GbEnhancer'
3 polymer 'Gluebody GbC4'
4 polymer 'Sphingosine-1-phosphate transporter SPNS2'
5 non-polymer DODECYL-BETA-D-MALTOSIDE
#
loop_
_entity_poly.entity_id
_entity_poly.type
_entity_poly.pdbx_seq_one_letter_code
_entity_poly.pdbx_strand_id
1 'polypeptide(L)'
;MSKGEELFTGVVPILVELDGDVNGHKFSVRGEGEGDATNGKLTLKFICTTGKLPVPWPTLVTTLTYGVQCFSRYPDHMKR
HDFFKSAMPEGYVQERTISFKDDGTYKTRAEVKFEGDTLVNRIELKGIDFKEDGNILGHKLEYNFNSHNVYITADKQKNG
IKANFKIRHNVEDGSVQLADHYQQNTPIGDGPVLLPDNHYLSTQSVLSKDPNEKRDHMVLLEFVTAAGITHGMDELYK
;
B
2 'polypeptide(L)'
;QVQLVENGGACVKPGGSLRLSCAASGFPVNRYSMRWYRQAPGKEREWVAGMSSAGDRSSYEDSVKGRFTISRDDARNTVY
LQMNSLKPEDTAVYYCNVNVGFEYWGQGTQVMV
;
D
3 'polypeptide(L)'
;SQGQLVENGGGCVKAGGSLRLSCAASQGTLSNLVTGWFRRAPGKEREFVANIGRDGLTVYSNSVKGRFTISRDRAKNTVY
LQMDSLKPEDTAVYYCAGRLSRFPGEYDYWSKGTPVMVS
;
C
4 'polypeptide(L)'
;MMCLECASAAAGGAEEEEADAERRRRRRGAQRGAGGSGCCGARGAGGAGVSAAGDEVQTLSGSVRRAPTGPPGTPGTPGC
AATAKGPGAQQPKPASLGRGRGAAAAILSLGNVLNYLDRYTVAGVLLDIQQHFGVKDRGAGLLQSVFICSFMVAAPIFGY
LGDRFNRKVILSCGIFFWSAVTFSSSFIPQQYFWLLVLSRGLVGIGEASYSTIAPTIIGDLFTKNTRTLMLSVFYFAIPL
GSGLGYITGSSVKQAAGDWHWALRVSPVLGMITGTLILILVPATKRGHADQLGDQLKARTSWLRDMKALIRNRSYVFSSL
ATSAVSFATGALGMWIPLYLHRAQVVQKTAETCNSPPCGAKDSLIFGAITCFTGFLGVVTGAGATRWCRLKTQRADPLVC
AVGMLGSAIFICLIFVAAKSSIVGAYICIFVGETLLFSNWAITADILMYVVIPTRRATAVALQSFTSHLLGDAGSPYLIG
FISDLIRQSTKDSPLWEFLSLGYALMLCPFVVVLGGMFFLATALFFVSDRARAEQQVNQLAMPPASVKVAENLYFQ
;
A
#
loop_
_chem_comp.id
_chem_comp.type
_chem_comp.name
_chem_comp.formula
LMT D-saccharide DODECYL-BETA-D-MALTOSIDE 'C24 H46 O11'
#
# COMPACT_ATOMS: atom_id res chain seq x y z
N VAL A 11 13.33 -21.05 22.09
CA VAL A 11 14.45 -21.91 21.74
C VAL A 11 13.96 -23.35 21.61
N VAL A 12 14.47 -24.07 20.61
CA VAL A 12 14.09 -25.46 20.37
C VAL A 12 15.34 -26.29 20.11
N PRO A 13 15.54 -27.37 20.86
CA PRO A 13 16.69 -28.24 20.56
C PRO A 13 16.46 -29.06 19.29
N ILE A 14 17.56 -29.53 18.73
CA ILE A 14 17.52 -30.31 17.49
C ILE A 14 18.66 -31.31 17.51
N LEU A 15 18.36 -32.53 17.08
CA LEU A 15 19.36 -33.59 16.94
C LEU A 15 19.13 -34.28 15.60
N VAL A 16 20.12 -34.20 14.71
CA VAL A 16 19.99 -34.68 13.35
C VAL A 16 21.02 -35.77 13.12
N GLU A 17 20.55 -36.95 12.71
CA GLU A 17 21.41 -38.08 12.35
C GLU A 17 21.12 -38.47 10.91
N LEU A 18 22.18 -38.65 10.12
CA LEU A 18 22.03 -38.92 8.70
C LEU A 18 23.08 -39.92 8.26
N ASP A 19 22.81 -40.58 7.14
CA ASP A 19 23.71 -41.56 6.55
C ASP A 19 23.83 -41.31 5.05
N GLY A 20 24.98 -41.64 4.48
CA GLY A 20 25.21 -41.42 3.08
C GLY A 20 26.19 -42.39 2.46
N ASP A 21 25.87 -42.85 1.25
CA ASP A 21 26.73 -43.74 0.47
C ASP A 21 27.20 -43.01 -0.79
N VAL A 22 28.51 -42.95 -0.98
CA VAL A 22 29.12 -42.27 -2.11
C VAL A 22 30.18 -43.20 -2.69
N ASN A 23 29.93 -43.74 -3.87
CA ASN A 23 30.89 -44.59 -4.57
C ASN A 23 31.36 -45.75 -3.69
N GLY A 24 30.41 -46.34 -2.96
CA GLY A 24 30.70 -47.47 -2.11
C GLY A 24 31.20 -47.12 -0.72
N HIS A 25 31.42 -45.84 -0.43
CA HIS A 25 31.88 -45.40 0.88
C HIS A 25 30.67 -44.96 1.69
N LYS A 26 30.46 -45.60 2.84
CA LYS A 26 29.34 -45.31 3.72
C LYS A 26 29.80 -44.48 4.91
N PHE A 27 29.06 -43.42 5.21
CA PHE A 27 29.42 -42.52 6.30
C PHE A 27 28.17 -41.99 6.96
N SER A 28 28.18 -41.99 8.30
CA SER A 28 27.06 -41.48 9.10
C SER A 28 27.53 -40.29 9.91
N VAL A 29 26.67 -39.27 10.00
CA VAL A 29 26.98 -38.03 10.70
C VAL A 29 25.84 -37.72 11.66
N ARG A 30 26.17 -37.45 12.92
CA ARG A 30 25.21 -37.08 13.94
C ARG A 30 25.59 -35.73 14.52
N GLY A 31 24.59 -34.91 14.82
CA GLY A 31 24.84 -33.57 15.32
C GLY A 31 23.72 -33.08 16.19
N GLU A 32 24.05 -32.09 17.02
CA GLU A 32 23.11 -31.52 17.98
C GLU A 32 23.23 -30.00 17.98
N GLY A 33 22.16 -29.34 18.38
CA GLY A 33 22.20 -27.89 18.47
C GLY A 33 20.86 -27.34 18.88
N GLU A 34 20.73 -26.02 18.73
CA GLU A 34 19.53 -25.30 19.14
C GLU A 34 19.19 -24.22 18.12
N GLY A 35 17.89 -24.00 17.94
CA GLY A 35 17.39 -22.97 17.04
C GLY A 35 16.39 -22.05 17.69
N ASP A 36 16.57 -20.74 17.51
CA ASP A 36 15.65 -19.73 17.99
C ASP A 36 14.87 -19.20 16.78
N ALA A 37 13.59 -19.55 16.71
CA ALA A 37 12.76 -19.10 15.60
C ALA A 37 12.45 -17.61 15.73
N THR A 38 12.18 -17.14 16.94
CA THR A 38 11.90 -15.71 17.13
C THR A 38 13.07 -14.85 16.70
N ASN A 39 14.29 -15.26 17.07
CA ASN A 39 15.49 -14.54 16.68
C ASN A 39 16.03 -14.98 15.32
N GLY A 40 15.46 -16.03 14.73
CA GLY A 40 15.91 -16.49 13.43
C GLY A 40 17.37 -16.91 13.41
N LYS A 41 17.78 -17.68 14.40
CA LYS A 41 19.17 -18.11 14.54
C LYS A 41 19.22 -19.62 14.72
N LEU A 42 20.28 -20.24 14.22
CA LEU A 42 20.50 -21.66 14.39
C LEU A 42 21.96 -21.90 14.72
N THR A 43 22.22 -22.71 15.76
CA THR A 43 23.57 -23.08 16.15
C THR A 43 23.65 -24.60 16.23
N LEU A 44 24.45 -25.20 15.37
CA LEU A 44 24.55 -26.65 15.27
C LEU A 44 26.01 -27.08 15.40
N LYS A 45 26.19 -28.35 15.76
CA LYS A 45 27.52 -28.95 15.81
C LYS A 45 27.38 -30.41 15.40
N PHE A 46 28.09 -30.79 14.34
CA PHE A 46 28.04 -32.13 13.77
C PHE A 46 29.30 -32.91 14.10
N ILE A 47 29.25 -34.21 13.85
CA ILE A 47 30.42 -35.07 13.99
C ILE A 47 30.11 -36.38 13.26
N CYS A 48 31.13 -36.90 12.57
CA CYS A 48 31.01 -38.16 11.85
C CYS A 48 31.62 -39.28 12.69
N THR A 49 30.81 -40.30 12.98
CA THR A 49 31.30 -41.41 13.77
C THR A 49 32.40 -42.19 13.05
N THR A 50 32.36 -42.19 11.72
CA THR A 50 33.38 -42.88 10.94
C THR A 50 34.73 -42.17 11.07
N GLY A 51 35.80 -42.92 10.81
CA GLY A 51 37.13 -42.36 10.93
C GLY A 51 37.36 -41.19 10.00
N LYS A 52 36.91 -41.30 8.76
CA LYS A 52 37.07 -40.24 7.76
C LYS A 52 35.82 -40.17 6.90
N LEU A 53 35.54 -38.98 6.38
CA LEU A 53 34.40 -38.74 5.51
C LEU A 53 34.89 -38.50 4.10
N PRO A 54 34.41 -39.24 3.10
CA PRO A 54 35.04 -39.19 1.77
C PRO A 54 34.98 -37.83 1.10
N VAL A 55 33.78 -37.30 0.92
CA VAL A 55 33.57 -36.08 0.15
C VAL A 55 33.87 -34.86 1.01
N PRO A 56 34.08 -33.68 0.42
CA PRO A 56 34.31 -32.49 1.25
C PRO A 56 33.11 -32.19 2.14
N TRP A 57 33.39 -31.71 3.34
CA TRP A 57 32.31 -31.45 4.30
C TRP A 57 31.29 -30.45 3.80
N PRO A 58 31.67 -29.31 3.20
CA PRO A 58 30.65 -28.32 2.81
C PRO A 58 29.54 -28.88 1.94
N THR A 59 29.86 -29.80 1.04
CA THR A 59 28.86 -30.37 0.15
C THR A 59 27.70 -30.97 0.93
N LEU A 60 27.98 -31.55 2.10
CA LEU A 60 26.94 -32.11 2.96
C LEU A 60 26.44 -31.12 4.00
N VAL A 61 27.29 -30.19 4.41
CA VAL A 61 26.88 -29.18 5.40
C VAL A 61 25.77 -28.31 4.82
N THR A 62 25.89 -27.94 3.54
CA THR A 62 24.84 -27.14 2.91
C THR A 62 23.53 -27.91 2.86
N THR A 63 23.58 -29.21 2.54
CA THR A 63 22.36 -30.01 2.50
C THR A 63 21.74 -30.12 3.89
N LEU A 64 22.56 -30.33 4.91
CA LEU A 64 22.04 -30.41 6.27
C LEU A 64 21.44 -29.08 6.71
N THR A 65 22.05 -27.97 6.31
CA THR A 65 21.52 -26.66 6.65
C THR A 65 20.16 -26.43 6.00
N TYR A 66 20.06 -26.68 4.69
CA TYR A 66 18.80 -26.46 3.99
C TYR A 66 17.77 -27.55 4.24
N GLY A 67 18.15 -28.64 4.91
CA GLY A 67 17.18 -29.69 5.19
C GLY A 67 16.12 -29.30 6.21
N VAL A 68 16.40 -28.28 7.02
CA VAL A 68 15.45 -27.80 8.03
C VAL A 68 15.24 -26.31 7.82
N GLN A 69 13.99 -25.91 7.64
CA GLN A 69 13.64 -24.50 7.49
C GLN A 69 12.56 -24.06 8.48
N CYS A 70 12.13 -24.95 9.37
CA CYS A 70 11.16 -24.55 10.39
C CYS A 70 11.75 -23.50 11.31
N PHE A 71 13.01 -23.65 11.71
CA PHE A 71 13.65 -22.66 12.55
C PHE A 71 13.74 -21.31 11.86
N SER A 72 13.80 -21.30 10.54
CA SER A 72 13.96 -20.05 9.79
C SER A 72 12.85 -19.07 10.16
N ARG A 73 13.24 -17.84 10.49
CA ARG A 73 12.27 -16.82 10.84
C ARG A 73 11.55 -16.32 9.60
N TYR A 74 10.27 -16.01 9.75
CA TYR A 74 9.45 -15.49 8.66
C TYR A 74 8.85 -14.15 9.05
N PRO A 75 8.69 -13.23 8.10
CA PRO A 75 8.05 -11.95 8.43
C PRO A 75 6.61 -12.16 8.91
N ASP A 76 6.06 -11.09 9.49
CA ASP A 76 4.69 -11.17 10.02
C ASP A 76 3.69 -11.46 8.90
N HIS A 77 3.86 -10.82 7.75
CA HIS A 77 2.94 -11.05 6.65
C HIS A 77 3.08 -12.45 6.07
N MET A 78 4.26 -13.06 6.19
CA MET A 78 4.52 -14.38 5.65
C MET A 78 4.32 -15.49 6.68
N LYS A 79 3.92 -15.16 7.91
CA LYS A 79 3.72 -16.19 8.92
C LYS A 79 2.68 -17.20 8.47
N ARG A 80 1.54 -16.72 7.98
CA ARG A 80 0.51 -17.63 7.48
C ARG A 80 0.89 -18.26 6.16
N HIS A 81 1.83 -17.66 5.42
CA HIS A 81 2.24 -18.20 4.14
C HIS A 81 3.15 -19.42 4.28
N ASP A 82 3.85 -19.53 5.41
CA ASP A 82 4.81 -20.62 5.57
C ASP A 82 4.12 -21.97 5.53
N PHE A 83 4.79 -22.96 4.92
CA PHE A 83 4.30 -24.32 4.81
C PHE A 83 4.98 -25.29 5.76
N PHE A 84 6.29 -25.13 5.97
CA PHE A 84 7.03 -26.09 6.79
C PHE A 84 6.53 -26.09 8.23
N LYS A 85 6.20 -24.92 8.76
CA LYS A 85 5.69 -24.85 10.13
C LYS A 85 4.30 -25.46 10.22
N SER A 86 3.47 -25.29 9.18
CA SER A 86 2.11 -25.83 9.21
C SER A 86 2.14 -27.35 9.30
N ALA A 87 3.03 -27.99 8.55
CA ALA A 87 3.17 -29.44 8.57
C ALA A 87 4.11 -29.92 9.67
N MET A 88 4.68 -29.01 10.45
CA MET A 88 5.59 -29.42 11.52
C MET A 88 4.97 -30.39 12.51
N PRO A 89 3.73 -30.20 12.97
CA PRO A 89 3.20 -31.12 13.99
C PRO A 89 3.22 -32.57 13.56
N GLU A 90 2.98 -32.86 12.27
CA GLU A 90 2.96 -34.22 11.77
C GLU A 90 4.15 -34.54 10.88
N GLY A 91 5.12 -33.63 10.78
CA GLY A 91 6.33 -33.90 10.02
C GLY A 91 6.11 -33.82 8.53
N TYR A 92 7.20 -34.06 7.79
CA TYR A 92 7.14 -34.05 6.34
C TYR A 92 8.34 -34.82 5.79
N VAL A 93 8.29 -35.13 4.49
CA VAL A 93 9.34 -35.85 3.81
C VAL A 93 9.77 -35.05 2.59
N GLN A 94 11.09 -34.94 2.41
CA GLN A 94 11.69 -34.10 1.39
C GLN A 94 12.57 -34.96 0.49
N GLU A 95 12.55 -34.66 -0.82
CA GLU A 95 13.43 -35.31 -1.78
C GLU A 95 14.20 -34.22 -2.51
N ARG A 96 15.54 -34.30 -2.45
CA ARG A 96 16.41 -33.27 -3.00
C ARG A 96 17.32 -33.88 -4.05
N THR A 97 17.42 -33.21 -5.20
CA THR A 97 18.38 -33.53 -6.25
C THR A 97 19.38 -32.39 -6.34
N ILE A 98 20.66 -32.72 -6.16
CA ILE A 98 21.73 -31.73 -6.12
C ILE A 98 22.72 -32.08 -7.22
N SER A 99 22.62 -31.40 -8.36
CA SER A 99 23.49 -31.67 -9.50
C SER A 99 24.71 -30.76 -9.39
N PHE A 100 25.86 -31.36 -9.09
CA PHE A 100 27.12 -30.64 -9.10
C PHE A 100 27.58 -30.42 -10.54
N LYS A 101 28.39 -29.38 -10.73
CA LYS A 101 28.90 -29.03 -12.06
C LYS A 101 30.13 -29.87 -12.34
N ASP A 102 29.96 -30.93 -13.13
CA ASP A 102 31.01 -31.84 -13.57
C ASP A 102 31.51 -32.75 -12.46
N ASP A 103 30.92 -32.70 -11.27
CA ASP A 103 31.37 -33.51 -10.14
C ASP A 103 30.30 -34.50 -9.67
N GLY A 104 29.39 -34.88 -10.55
CA GLY A 104 28.37 -35.85 -10.21
C GLY A 104 27.12 -35.24 -9.64
N THR A 105 26.29 -36.11 -9.06
CA THR A 105 25.00 -35.69 -8.53
C THR A 105 24.71 -36.41 -7.20
N TYR A 106 23.94 -35.73 -6.36
CA TYR A 106 23.49 -36.25 -5.08
C TYR A 106 21.97 -36.39 -5.10
N LYS A 107 21.48 -37.49 -4.55
CA LYS A 107 20.05 -37.73 -4.38
C LYS A 107 19.81 -38.01 -2.91
N THR A 108 19.03 -37.16 -2.25
CA THR A 108 18.83 -37.27 -0.81
C THR A 108 17.34 -37.35 -0.48
N ARG A 109 17.02 -38.21 0.48
CA ARG A 109 15.66 -38.33 1.01
C ARG A 109 15.70 -38.06 2.51
N ALA A 110 14.92 -37.09 2.96
CA ALA A 110 14.94 -36.63 4.33
C ALA A 110 13.54 -36.74 4.94
N GLU A 111 13.51 -36.97 6.25
CA GLU A 111 12.26 -36.99 7.01
C GLU A 111 12.45 -36.11 8.24
N VAL A 112 11.50 -35.19 8.44
CA VAL A 112 11.58 -34.19 9.50
C VAL A 112 10.34 -34.34 10.37
N LYS A 113 10.54 -34.47 11.68
CA LYS A 113 9.39 -34.66 12.56
C LYS A 113 9.71 -34.18 13.97
N PHE A 114 8.73 -33.56 14.61
CA PHE A 114 8.84 -33.14 16.01
C PHE A 114 8.44 -34.31 16.89
N GLU A 115 9.42 -35.13 17.28
CA GLU A 115 9.17 -36.31 18.08
C GLU A 115 9.23 -35.94 19.56
N GLY A 116 8.19 -36.33 20.30
CA GLY A 116 8.12 -35.99 21.71
C GLY A 116 8.13 -34.48 21.92
N ASP A 117 9.25 -33.97 22.44
CA ASP A 117 9.42 -32.54 22.65
C ASP A 117 10.71 -32.03 21.99
N THR A 118 11.17 -32.74 20.95
CA THR A 118 12.41 -32.36 20.28
C THR A 118 12.28 -32.67 18.80
N LEU A 119 12.90 -31.83 17.98
CA LEU A 119 12.91 -32.04 16.54
C LEU A 119 13.91 -33.13 16.18
N VAL A 120 13.54 -33.94 15.17
CA VAL A 120 14.39 -35.03 14.69
C VAL A 120 14.39 -34.99 13.18
N ASN A 121 15.55 -35.30 12.60
CA ASN A 121 15.78 -35.08 11.17
C ASN A 121 16.66 -36.23 10.69
N ARG A 122 16.13 -37.07 9.80
CA ARG A 122 16.85 -38.25 9.32
C ARG A 122 17.00 -38.16 7.80
N ILE A 123 18.25 -38.22 7.33
CA ILE A 123 18.57 -38.03 5.92
C ILE A 123 19.31 -39.26 5.41
N GLU A 124 18.99 -39.67 4.19
CA GLU A 124 19.70 -40.74 3.50
C GLU A 124 20.18 -40.18 2.16
N LEU A 125 21.49 -40.27 1.91
CA LEU A 125 22.12 -39.64 0.76
C LEU A 125 22.77 -40.69 -0.13
N LYS A 126 22.59 -40.53 -1.45
CA LYS A 126 23.30 -41.31 -2.45
C LYS A 126 24.09 -40.37 -3.35
N GLY A 127 25.33 -40.73 -3.63
CA GLY A 127 26.19 -39.98 -4.55
C GLY A 127 26.46 -40.82 -5.80
N ILE A 128 26.51 -40.16 -6.96
CA ILE A 128 26.70 -40.85 -8.23
C ILE A 128 27.52 -39.97 -9.16
N ASP A 129 28.21 -40.63 -10.10
CA ASP A 129 28.93 -39.95 -11.18
C ASP A 129 30.10 -39.12 -10.62
N PHE A 130 30.95 -39.77 -9.84
CA PHE A 130 32.13 -39.15 -9.27
C PHE A 130 33.38 -39.69 -9.97
N LYS A 131 34.33 -38.80 -10.23
CA LYS A 131 35.56 -39.14 -10.91
C LYS A 131 36.76 -38.57 -10.17
N GLU A 132 37.90 -39.24 -10.31
CA GLU A 132 39.12 -38.81 -9.63
C GLU A 132 39.64 -37.51 -10.24
N ASP A 133 40.40 -36.77 -9.43
CA ASP A 133 41.02 -35.50 -9.76
C ASP A 133 40.03 -34.35 -9.70
N GLY A 134 38.75 -34.60 -9.42
CA GLY A 134 37.79 -33.53 -9.29
C GLY A 134 37.91 -32.80 -7.97
N ASN A 135 37.18 -31.69 -7.88
CA ASN A 135 37.18 -30.91 -6.64
C ASN A 135 36.65 -31.74 -5.47
N ILE A 136 35.60 -32.52 -5.72
CA ILE A 136 35.03 -33.36 -4.66
C ILE A 136 36.04 -34.42 -4.22
N LEU A 137 36.66 -35.10 -5.19
CA LEU A 137 37.59 -36.18 -4.84
C LEU A 137 38.87 -35.63 -4.23
N GLY A 138 39.37 -34.52 -4.74
CA GLY A 138 40.63 -33.96 -4.28
C GLY A 138 40.55 -33.19 -2.98
N HIS A 139 39.36 -33.00 -2.43
CA HIS A 139 39.18 -32.25 -1.18
C HIS A 139 39.75 -30.84 -1.31
N LYS A 140 39.67 -30.26 -2.50
CA LYS A 140 40.22 -28.93 -2.73
C LYS A 140 39.34 -27.83 -2.14
N LEU A 141 38.09 -28.12 -1.82
CA LEU A 141 37.21 -27.12 -1.23
C LEU A 141 37.72 -26.72 0.14
N GLU A 142 37.69 -25.42 0.43
CA GLU A 142 38.19 -24.91 1.70
C GLU A 142 37.08 -24.95 2.74
N TYR A 143 37.33 -24.34 3.90
CA TYR A 143 36.39 -24.37 5.02
C TYR A 143 35.42 -23.18 5.01
N ASN A 144 35.59 -22.24 4.08
CA ASN A 144 34.72 -21.08 4.02
C ASN A 144 33.38 -21.45 3.39
N PHE A 145 32.40 -20.54 3.53
CA PHE A 145 31.06 -20.74 3.02
C PHE A 145 30.54 -19.42 2.47
N ASN A 146 29.31 -19.46 1.94
CA ASN A 146 28.70 -18.30 1.32
C ASN A 146 27.21 -18.27 1.61
N SER A 147 26.65 -17.07 1.69
CA SER A 147 25.21 -16.92 1.79
C SER A 147 24.56 -17.19 0.43
N HIS A 148 23.28 -17.56 0.47
CA HIS A 148 22.59 -17.97 -0.74
C HIS A 148 21.11 -17.59 -0.64
N ASN A 149 20.39 -17.83 -1.74
CA ASN A 149 18.97 -17.56 -1.83
C ASN A 149 18.27 -18.79 -2.42
N VAL A 150 17.11 -19.12 -1.88
CA VAL A 150 16.33 -20.28 -2.31
C VAL A 150 14.92 -19.81 -2.65
N TYR A 151 14.45 -20.15 -3.85
CA TYR A 151 13.12 -19.73 -4.31
C TYR A 151 12.16 -20.90 -4.12
N ILE A 152 11.06 -20.65 -3.41
CA ILE A 152 10.07 -21.66 -3.09
C ILE A 152 8.75 -21.30 -3.75
N THR A 153 8.09 -22.29 -4.35
CA THR A 153 6.80 -22.09 -4.99
C THR A 153 5.96 -23.34 -4.79
N ALA A 154 4.65 -23.15 -4.63
CA ALA A 154 3.73 -24.24 -4.36
C ALA A 154 3.23 -24.88 -5.66
N ASP A 155 2.93 -26.17 -5.58
CA ASP A 155 2.32 -26.89 -6.69
C ASP A 155 1.12 -27.69 -6.16
N LYS A 156 -0.05 -27.41 -6.73
CA LYS A 156 -1.27 -28.10 -6.31
C LYS A 156 -1.34 -29.52 -6.88
N GLN A 157 -0.76 -29.75 -8.06
CA GLN A 157 -0.76 -31.10 -8.62
C GLN A 157 -0.02 -32.06 -7.70
N LYS A 158 1.12 -31.64 -7.17
CA LYS A 158 1.85 -32.41 -6.18
C LYS A 158 1.45 -32.05 -4.75
N ASN A 159 0.51 -31.11 -4.58
CA ASN A 159 0.01 -30.72 -3.26
C ASN A 159 1.16 -30.42 -2.30
N GLY A 160 2.23 -29.85 -2.83
CA GLY A 160 3.41 -29.60 -2.03
C GLY A 160 4.14 -28.32 -2.36
N ILE A 161 5.38 -28.20 -1.87
CA ILE A 161 6.22 -27.03 -2.11
C ILE A 161 7.51 -27.49 -2.78
N LYS A 162 7.90 -26.77 -3.84
CA LYS A 162 9.12 -27.03 -4.58
C LYS A 162 10.07 -25.87 -4.40
N ALA A 163 11.31 -26.17 -4.03
CA ALA A 163 12.34 -25.16 -3.84
C ALA A 163 13.44 -25.38 -4.86
N ASN A 164 14.06 -24.28 -5.30
CA ASN A 164 15.14 -24.37 -6.27
C ASN A 164 16.14 -23.24 -6.03
N PHE A 165 17.40 -23.51 -6.37
CA PHE A 165 18.43 -22.48 -6.33
C PHE A 165 19.77 -22.96 -6.85
N LYS A 166 20.76 -22.07 -6.87
CA LYS A 166 22.12 -22.37 -7.26
C LYS A 166 23.05 -22.07 -6.09
N ILE A 167 23.96 -23.00 -5.79
CA ILE A 167 24.88 -22.87 -4.68
C ILE A 167 26.30 -22.81 -5.25
N ARG A 168 27.07 -21.82 -4.81
CA ARG A 168 28.45 -21.64 -5.25
C ARG A 168 29.38 -22.19 -4.18
N HIS A 169 30.16 -23.20 -4.54
CA HIS A 169 31.14 -23.80 -3.65
C HIS A 169 32.54 -23.33 -4.06
N ASN A 170 33.31 -22.87 -3.10
CA ASN A 170 34.64 -22.34 -3.35
C ASN A 170 35.67 -23.46 -3.37
N VAL A 171 36.79 -23.20 -4.04
CA VAL A 171 37.89 -24.15 -4.15
C VAL A 171 39.18 -23.44 -3.76
N GLU A 172 40.17 -24.22 -3.35
CA GLU A 172 41.42 -23.66 -2.88
C GLU A 172 42.11 -22.84 -3.97
N ASP A 173 42.09 -23.33 -5.21
CA ASP A 173 42.72 -22.65 -6.32
C ASP A 173 41.90 -21.48 -6.86
N GLY A 174 40.81 -21.13 -6.19
CA GLY A 174 39.96 -20.04 -6.62
C GLY A 174 38.79 -20.44 -7.50
N SER A 175 38.74 -21.69 -7.95
CA SER A 175 37.63 -22.16 -8.76
C SER A 175 36.34 -22.14 -7.95
N VAL A 176 35.24 -21.76 -8.61
CA VAL A 176 33.91 -21.73 -8.00
C VAL A 176 33.01 -22.66 -8.80
N GLN A 177 32.36 -23.58 -8.10
CA GLN A 177 31.49 -24.57 -8.73
C GLN A 177 30.04 -24.21 -8.42
N LEU A 178 29.23 -24.06 -9.46
CA LEU A 178 27.81 -23.75 -9.33
C LEU A 178 27.02 -25.04 -9.43
N ALA A 179 26.41 -25.45 -8.32
CA ALA A 179 25.61 -26.66 -8.25
C ALA A 179 24.13 -26.31 -8.15
N ASP A 180 23.30 -27.01 -8.92
CA ASP A 180 21.88 -26.75 -8.94
C ASP A 180 21.19 -27.61 -7.89
N HIS A 181 20.41 -26.97 -7.01
CA HIS A 181 19.66 -27.64 -5.97
C HIS A 181 18.18 -27.55 -6.30
N TYR A 182 17.51 -28.71 -6.36
CA TYR A 182 16.06 -28.78 -6.47
C TYR A 182 15.52 -29.65 -5.34
N GLN A 183 14.36 -29.27 -4.81
CA GLN A 183 13.78 -29.91 -3.64
C GLN A 183 12.27 -30.00 -3.80
N GLN A 184 11.70 -31.14 -3.44
CA GLN A 184 10.26 -31.35 -3.45
C GLN A 184 9.83 -31.85 -2.08
N ASN A 185 8.78 -31.25 -1.52
CA ASN A 185 8.31 -31.62 -0.20
C ASN A 185 6.97 -32.35 -0.28
N THR A 186 6.67 -33.11 0.77
CA THR A 186 5.40 -33.81 0.89
C THR A 186 5.03 -33.91 2.37
N PRO A 187 3.90 -33.35 2.79
CA PRO A 187 3.55 -33.40 4.22
C PRO A 187 3.06 -34.79 4.61
N ILE A 188 3.67 -35.35 5.66
CA ILE A 188 3.24 -36.65 6.17
C ILE A 188 1.80 -36.57 6.67
N GLY A 189 1.47 -35.50 7.37
CA GLY A 189 0.13 -35.34 7.92
C GLY A 189 -0.89 -34.96 6.87
N ASP A 190 -2.16 -35.03 7.28
CA ASP A 190 -3.29 -34.72 6.42
C ASP A 190 -3.94 -33.39 6.76
N GLY A 191 -3.28 -32.55 7.56
CA GLY A 191 -3.84 -31.28 7.95
C GLY A 191 -3.77 -30.26 6.84
N PRO A 192 -4.24 -29.05 7.15
CA PRO A 192 -4.22 -27.99 6.14
C PRO A 192 -2.81 -27.69 5.66
N VAL A 193 -2.70 -27.35 4.38
CA VAL A 193 -1.38 -27.15 3.76
C VAL A 193 -0.89 -25.72 3.95
N LEU A 194 -1.71 -24.73 3.61
CA LEU A 194 -1.30 -23.32 3.67
C LEU A 194 -0.03 -23.10 2.84
N LEU A 195 -0.03 -23.63 1.63
CA LEU A 195 1.15 -23.54 0.77
C LEU A 195 1.32 -22.12 0.26
N PRO A 196 2.53 -21.53 0.34
CA PRO A 196 2.73 -20.20 -0.22
C PRO A 196 2.86 -20.22 -1.73
N ASP A 197 2.31 -19.18 -2.38
CA ASP A 197 2.36 -19.11 -3.84
C ASP A 197 3.80 -19.03 -4.34
N ASN A 198 4.57 -18.07 -3.81
CA ASN A 198 5.97 -17.93 -4.20
C ASN A 198 6.71 -16.97 -3.27
N HIS A 199 7.92 -17.35 -2.87
CA HIS A 199 8.73 -16.52 -1.98
C HIS A 199 10.20 -16.90 -2.16
N TYR A 200 11.07 -16.16 -1.49
CA TYR A 200 12.50 -16.41 -1.52
C TYR A 200 13.08 -16.25 -0.13
N LEU A 201 13.93 -17.19 0.27
CA LEU A 201 14.57 -17.20 1.58
C LEU A 201 16.06 -16.99 1.40
N SER A 202 16.61 -16.01 2.12
CA SER A 202 18.04 -15.74 2.14
C SER A 202 18.66 -16.40 3.35
N THR A 203 19.73 -17.16 3.12
CA THR A 203 20.42 -17.90 4.17
C THR A 203 21.84 -17.38 4.29
N GLN A 204 22.27 -17.13 5.52
CA GLN A 204 23.63 -16.67 5.82
C GLN A 204 24.25 -17.67 6.78
N SER A 205 25.36 -18.27 6.37
CA SER A 205 26.01 -19.33 7.13
C SER A 205 27.44 -18.95 7.47
N VAL A 206 27.85 -19.21 8.71
CA VAL A 206 29.22 -19.03 9.14
C VAL A 206 29.69 -20.29 9.85
N LEU A 207 30.99 -20.55 9.79
CA LEU A 207 31.59 -21.75 10.34
C LEU A 207 32.73 -21.40 11.28
N SER A 208 32.90 -22.23 12.30
CA SER A 208 34.00 -22.08 13.25
C SER A 208 34.34 -23.43 13.82
N LYS A 209 35.54 -23.53 14.38
CA LYS A 209 36.03 -24.76 14.98
C LYS A 209 36.50 -24.49 16.40
N ASP A 210 36.26 -25.46 17.30
CA ASP A 210 36.59 -25.31 18.70
C ASP A 210 37.89 -26.04 18.99
N PRO A 211 39.00 -25.36 19.31
CA PRO A 211 40.27 -26.06 19.51
C PRO A 211 40.33 -26.95 20.73
N ASN A 212 39.27 -27.03 21.54
CA ASN A 212 39.34 -27.83 22.76
C ASN A 212 39.58 -29.30 22.44
N GLU A 213 38.91 -29.83 21.44
CA GLU A 213 39.02 -31.23 21.06
C GLU A 213 39.66 -31.34 19.68
N LYS A 214 40.53 -32.35 19.53
CA LYS A 214 41.16 -32.59 18.23
C LYS A 214 40.14 -32.97 17.18
N ARG A 215 39.02 -33.57 17.59
CA ARG A 215 37.98 -33.93 16.64
C ARG A 215 37.41 -32.69 15.98
N ASP A 216 37.22 -32.77 14.66
CA ASP A 216 36.64 -31.65 13.94
C ASP A 216 35.20 -31.41 14.40
N HIS A 217 34.86 -30.15 14.64
CA HIS A 217 33.59 -29.78 15.26
C HIS A 217 32.56 -29.27 14.26
N MET A 218 32.96 -28.47 13.28
CA MET A 218 32.04 -27.88 12.32
C MET A 218 30.95 -27.08 13.02
N VAL A 219 31.36 -26.27 14.00
CA VAL A 219 30.41 -25.36 14.65
C VAL A 219 29.79 -24.48 13.58
N LEU A 220 28.49 -24.60 13.39
CA LEU A 220 27.79 -24.02 12.25
C LEU A 220 26.71 -23.07 12.75
N LEU A 221 26.66 -21.87 12.17
CA LEU A 221 25.69 -20.84 12.56
C LEU A 221 24.93 -20.38 11.33
N GLU A 222 23.60 -20.40 11.42
CA GLU A 222 22.73 -19.99 10.32
C GLU A 222 21.81 -18.85 10.75
N PHE A 223 21.58 -17.93 9.81
CA PHE A 223 20.56 -16.90 9.93
C PHE A 223 19.75 -16.90 8.64
N VAL A 224 18.47 -17.23 8.72
CA VAL A 224 17.61 -17.38 7.56
C VAL A 224 16.47 -16.37 7.67
N THR A 225 16.20 -15.66 6.58
CA THR A 225 15.12 -14.68 6.55
C THR A 225 14.36 -14.80 5.24
N ALA A 226 13.04 -14.82 5.32
CA ALA A 226 12.18 -14.97 4.15
C ALA A 226 11.68 -13.62 3.66
N ALA A 227 11.29 -13.59 2.39
CA ALA A 227 10.75 -12.37 1.78
C ALA A 227 10.24 -12.66 0.37
N VAL B 2 34.76 -4.67 8.56
CA VAL B 2 35.42 -5.01 7.31
C VAL B 2 34.62 -4.46 6.14
N GLN B 3 35.31 -3.85 5.18
CA GLN B 3 34.66 -3.26 4.01
C GLN B 3 35.55 -3.45 2.79
N LEU B 4 34.90 -3.55 1.63
CA LEU B 4 35.59 -3.68 0.35
C LEU B 4 35.15 -2.54 -0.57
N VAL B 5 36.11 -1.94 -1.26
CA VAL B 5 35.86 -0.80 -2.14
C VAL B 5 36.41 -1.12 -3.52
N GLU B 6 35.65 -0.75 -4.55
CA GLU B 6 36.02 -0.98 -5.94
C GLU B 6 36.17 0.35 -6.66
N ASN B 7 37.10 0.40 -7.61
CA ASN B 7 37.29 1.61 -8.40
C ASN B 7 37.99 1.24 -9.71
N GLY B 8 38.04 2.21 -10.61
CA GLY B 8 38.68 2.03 -11.90
C GLY B 8 37.77 1.62 -13.04
N GLY B 9 36.45 1.69 -12.85
CA GLY B 9 35.52 1.24 -13.86
C GLY B 9 35.01 2.34 -14.77
N ALA B 10 35.19 2.17 -16.07
CA ALA B 10 34.68 3.10 -17.07
C ALA B 10 34.49 2.36 -18.39
N CYS B 11 33.61 2.88 -19.23
CA CYS B 11 33.34 2.21 -20.49
C CYS B 11 34.56 2.26 -21.39
N VAL B 12 34.75 1.18 -22.16
CA VAL B 12 35.95 0.99 -22.96
C VAL B 12 35.54 0.70 -24.39
N LYS B 13 36.23 1.33 -25.35
CA LYS B 13 36.01 1.03 -26.74
C LYS B 13 36.59 -0.34 -27.08
N PRO B 14 36.08 -0.99 -28.12
CA PRO B 14 36.58 -2.33 -28.47
C PRO B 14 38.09 -2.34 -28.65
N GLY B 15 38.76 -3.25 -27.94
CA GLY B 15 40.19 -3.39 -28.00
C GLY B 15 40.94 -2.68 -26.88
N GLY B 16 40.28 -1.76 -26.17
CA GLY B 16 40.96 -1.04 -25.11
C GLY B 16 41.20 -1.90 -23.88
N SER B 17 42.11 -1.43 -23.04
CA SER B 17 42.47 -2.11 -21.80
C SER B 17 42.32 -1.15 -20.64
N LEU B 18 41.52 -1.53 -19.65
CA LEU B 18 41.32 -0.75 -18.43
C LEU B 18 41.69 -1.58 -17.22
N ARG B 19 42.06 -0.89 -16.15
CA ARG B 19 42.50 -1.52 -14.91
C ARG B 19 41.50 -1.25 -13.80
N LEU B 20 41.02 -2.32 -13.18
CA LEU B 20 40.15 -2.24 -12.01
C LEU B 20 40.96 -2.50 -10.75
N SER B 21 40.50 -1.94 -9.63
CA SER B 21 41.20 -2.10 -8.36
C SER B 21 40.18 -2.35 -7.25
N CYS B 22 40.46 -3.33 -6.42
CA CYS B 22 39.65 -3.64 -5.25
C CYS B 22 40.53 -3.58 -4.01
N ALA B 23 40.13 -2.78 -3.03
CA ALA B 23 40.85 -2.61 -1.78
C ALA B 23 39.97 -3.03 -0.61
N ALA B 24 40.64 -3.41 0.49
CA ALA B 24 39.96 -3.88 1.68
C ALA B 24 40.38 -3.06 2.89
N SER B 25 39.46 -2.92 3.84
CA SER B 25 39.72 -2.17 5.07
C SER B 25 39.10 -2.94 6.22
N GLY B 26 39.94 -3.42 7.14
CA GLY B 26 39.51 -4.13 8.32
C GLY B 26 40.12 -5.51 8.49
N PHE B 27 40.58 -6.13 7.41
CA PHE B 27 41.15 -7.46 7.46
C PHE B 27 42.34 -7.52 6.52
N PRO B 28 43.27 -8.46 6.75
CA PRO B 28 44.44 -8.59 5.86
C PRO B 28 44.05 -9.34 4.58
N VAL B 29 44.28 -8.70 3.43
CA VAL B 29 43.88 -9.29 2.16
C VAL B 29 44.71 -10.53 1.87
N ASN B 30 45.99 -10.52 2.25
CA ASN B 30 46.87 -11.63 1.91
C ASN B 30 46.46 -12.91 2.64
N ARG B 31 45.84 -12.79 3.81
CA ARG B 31 45.51 -13.97 4.60
C ARG B 31 44.38 -14.79 3.96
N TYR B 32 43.55 -14.19 3.12
CA TYR B 32 42.39 -14.86 2.55
C TYR B 32 42.36 -14.62 1.05
N SER B 33 41.62 -15.49 0.35
CA SER B 33 41.55 -15.45 -1.10
C SER B 33 40.54 -14.41 -1.57
N MET B 34 40.86 -13.74 -2.67
CA MET B 34 39.97 -12.76 -3.28
C MET B 34 39.28 -13.38 -4.50
N ARG B 35 38.09 -12.86 -4.82
CA ARG B 35 37.31 -13.39 -5.93
C ARG B 35 36.61 -12.24 -6.64
N TRP B 36 36.27 -12.49 -7.92
CA TRP B 36 35.66 -11.49 -8.77
C TRP B 36 34.49 -12.14 -9.50
N TYR B 37 33.32 -11.52 -9.40
CA TYR B 37 32.11 -11.99 -10.06
C TYR B 37 31.68 -10.99 -11.12
N ARG B 38 30.92 -11.47 -12.10
CA ARG B 38 30.40 -10.63 -13.16
C ARG B 38 28.94 -10.99 -13.42
N GLN B 39 28.09 -9.97 -13.50
CA GLN B 39 26.68 -10.17 -13.76
C GLN B 39 26.16 -9.08 -14.69
N ALA B 40 25.29 -9.46 -15.61
CA ALA B 40 24.70 -8.56 -16.58
C ALA B 40 23.34 -8.08 -16.11
N PRO B 41 22.80 -7.02 -16.71
CA PRO B 41 21.46 -6.55 -16.32
C PRO B 41 20.43 -7.65 -16.46
N GLY B 42 19.80 -8.00 -15.35
CA GLY B 42 18.80 -9.05 -15.35
C GLY B 42 19.35 -10.42 -15.66
N LYS B 43 20.51 -10.76 -15.13
CA LYS B 43 21.13 -12.07 -15.34
C LYS B 43 21.69 -12.58 -14.03
N GLU B 44 21.76 -13.90 -13.91
CA GLU B 44 22.27 -14.52 -12.69
C GLU B 44 23.75 -14.23 -12.53
N ARG B 45 24.18 -14.06 -11.29
CA ARG B 45 25.59 -13.80 -11.00
C ARG B 45 26.44 -15.00 -11.34
N GLU B 46 27.61 -14.74 -11.94
CA GLU B 46 28.50 -15.80 -12.39
C GLU B 46 29.92 -15.44 -11.97
N TRP B 47 30.64 -16.42 -11.40
CA TRP B 47 32.02 -16.22 -10.99
C TRP B 47 32.91 -16.05 -12.22
N VAL B 48 33.64 -14.94 -12.28
CA VAL B 48 34.45 -14.62 -13.45
C VAL B 48 35.94 -14.78 -13.19
N ALA B 49 36.39 -14.76 -11.94
CA ALA B 49 37.82 -14.88 -11.69
C ALA B 49 38.06 -15.16 -10.21
N GLY B 50 39.18 -15.82 -9.93
CA GLY B 50 39.56 -16.05 -8.55
C GLY B 50 41.06 -16.22 -8.42
N MET B 51 41.59 -15.84 -7.26
CA MET B 51 42.99 -16.05 -6.93
C MET B 51 43.07 -16.82 -5.64
N SER B 52 43.92 -17.85 -5.60
CA SER B 52 44.05 -18.69 -4.41
C SER B 52 44.61 -17.87 -3.26
N SER B 53 44.27 -18.30 -2.04
CA SER B 53 44.74 -17.60 -0.85
C SER B 53 46.26 -17.55 -0.81
N ALA B 54 46.92 -18.67 -1.12
CA ALA B 54 48.37 -18.69 -1.18
C ALA B 54 48.92 -17.88 -2.34
N GLY B 55 48.11 -17.64 -3.38
CA GLY B 55 48.55 -16.88 -4.52
C GLY B 55 49.39 -17.65 -5.51
N ASP B 56 49.48 -18.97 -5.38
CA ASP B 56 50.30 -19.75 -6.30
C ASP B 56 49.71 -19.79 -7.70
N ARG B 57 48.38 -19.79 -7.81
CA ARG B 57 47.73 -19.87 -9.11
C ARG B 57 46.37 -19.19 -9.03
N SER B 58 45.82 -18.89 -10.20
CA SER B 58 44.52 -18.24 -10.33
C SER B 58 43.60 -19.09 -11.21
N SER B 59 42.31 -19.00 -10.94
CA SER B 59 41.29 -19.78 -11.62
C SER B 59 40.41 -18.86 -12.45
N TYR B 60 40.25 -19.20 -13.73
CA TYR B 60 39.45 -18.42 -14.65
C TYR B 60 38.62 -19.38 -15.50
N GLU B 61 37.50 -18.89 -16.03
CA GLU B 61 36.67 -19.74 -16.88
C GLU B 61 37.24 -19.77 -18.29
N ASP B 62 36.64 -20.63 -19.13
CA ASP B 62 37.17 -20.83 -20.48
C ASP B 62 37.02 -19.60 -21.35
N SER B 63 35.92 -18.86 -21.20
CA SER B 63 35.66 -17.73 -22.10
C SER B 63 36.75 -16.66 -21.96
N VAL B 64 37.30 -16.49 -20.77
CA VAL B 64 38.18 -15.37 -20.48
C VAL B 64 39.53 -15.83 -19.94
N LYS B 65 39.91 -17.09 -20.20
CA LYS B 65 41.15 -17.63 -19.66
C LYS B 65 42.34 -16.89 -20.27
N GLY B 66 43.10 -16.20 -19.43
CA GLY B 66 44.32 -15.52 -19.86
C GLY B 66 44.17 -14.03 -20.12
N ARG B 67 43.01 -13.44 -19.82
CA ARG B 67 42.78 -12.02 -20.08
C ARG B 67 42.86 -11.16 -18.83
N PHE B 68 42.14 -11.54 -17.77
CA PHE B 68 42.12 -10.71 -16.56
C PHE B 68 43.50 -10.58 -15.95
N THR B 69 44.23 -11.68 -15.82
CA THR B 69 45.60 -11.67 -15.29
C THR B 69 45.68 -10.90 -13.98
N ILE B 70 44.74 -11.21 -13.07
CA ILE B 70 44.66 -10.47 -11.81
C ILE B 70 45.93 -10.65 -11.01
N SER B 71 46.33 -9.59 -10.30
CA SER B 71 47.47 -9.63 -9.39
C SER B 71 47.03 -9.06 -8.04
N ARG B 72 47.81 -9.37 -7.00
CA ARG B 72 47.48 -8.96 -5.65
C ARG B 72 48.73 -8.46 -4.95
N ASP B 73 48.57 -7.38 -4.17
CA ASP B 73 49.67 -6.78 -3.41
C ASP B 73 49.26 -6.71 -1.95
N ASP B 74 49.97 -7.46 -1.10
CA ASP B 74 49.68 -7.45 0.33
C ASP B 74 50.17 -6.16 0.99
N ALA B 75 51.35 -5.68 0.60
CA ALA B 75 51.85 -4.42 1.14
C ALA B 75 50.94 -3.27 0.77
N ARG B 76 50.47 -3.24 -0.48
CA ARG B 76 49.48 -2.25 -0.91
C ARG B 76 48.07 -2.62 -0.47
N ASN B 77 47.84 -3.85 -0.01
CA ASN B 77 46.53 -4.29 0.45
C ASN B 77 45.48 -4.08 -0.62
N THR B 78 45.81 -4.44 -1.86
CA THR B 78 44.91 -4.18 -2.98
C THR B 78 45.13 -5.20 -4.08
N VAL B 79 44.06 -5.54 -4.79
CA VAL B 79 44.10 -6.48 -5.90
C VAL B 79 43.73 -5.74 -7.18
N TYR B 80 44.55 -5.91 -8.21
CA TYR B 80 44.38 -5.23 -9.48
C TYR B 80 43.99 -6.21 -10.57
N LEU B 81 43.12 -5.76 -11.47
CA LEU B 81 42.57 -6.53 -12.57
C LEU B 81 42.85 -5.82 -13.88
N GLN B 82 43.34 -6.56 -14.87
CA GLN B 82 43.70 -6.02 -16.18
C GLN B 82 42.78 -6.61 -17.23
N MET B 83 42.13 -5.73 -18.01
CA MET B 83 41.17 -6.20 -19.01
C MET B 83 41.86 -6.95 -20.15
N ASN B 84 42.99 -6.44 -20.62
CA ASN B 84 43.69 -6.99 -21.80
C ASN B 84 42.67 -6.98 -22.95
N SER B 85 42.49 -8.07 -23.69
CA SER B 85 41.53 -8.07 -24.79
C SER B 85 40.12 -7.82 -24.27
N LEU B 86 39.39 -6.96 -24.96
CA LEU B 86 38.04 -6.58 -24.58
C LEU B 86 37.04 -7.31 -25.46
N LYS B 87 36.06 -7.96 -24.84
CA LYS B 87 35.04 -8.74 -25.52
C LYS B 87 33.65 -8.28 -25.08
N PRO B 88 32.62 -8.57 -25.88
CA PRO B 88 31.27 -8.14 -25.48
C PRO B 88 30.81 -8.70 -24.15
N GLU B 89 31.30 -9.88 -23.77
CA GLU B 89 30.92 -10.45 -22.48
C GLU B 89 31.32 -9.56 -21.32
N ASP B 90 32.33 -8.70 -21.51
CA ASP B 90 32.74 -7.77 -20.46
C ASP B 90 31.73 -6.67 -20.22
N THR B 91 30.70 -6.55 -21.08
CA THR B 91 29.69 -5.52 -20.88
C THR B 91 29.03 -5.65 -19.51
N ALA B 92 28.97 -6.87 -18.98
CA ALA B 92 28.37 -7.08 -17.66
C ALA B 92 29.20 -6.37 -16.58
N VAL B 93 28.51 -5.97 -15.51
CA VAL B 93 29.18 -5.27 -14.43
C VAL B 93 29.90 -6.27 -13.53
N TYR B 94 30.85 -5.75 -12.75
CA TYR B 94 31.76 -6.57 -11.97
C TYR B 94 31.53 -6.36 -10.47
N TYR B 95 32.03 -7.30 -9.68
CA TYR B 95 31.89 -7.29 -8.24
C TYR B 95 33.11 -7.94 -7.62
N CYS B 96 33.57 -7.39 -6.50
CA CYS B 96 34.72 -7.90 -5.77
C CYS B 96 34.23 -8.54 -4.48
N ASN B 97 34.58 -9.80 -4.25
CA ASN B 97 34.05 -10.57 -3.14
C ASN B 97 35.18 -11.24 -2.36
N VAL B 98 35.06 -11.22 -1.04
CA VAL B 98 35.96 -11.93 -0.14
C VAL B 98 35.20 -12.22 1.14
N ASN B 99 35.24 -13.48 1.59
CA ASN B 99 34.47 -13.93 2.74
C ASN B 99 35.43 -14.25 3.89
N VAL B 100 35.50 -13.34 4.86
CA VAL B 100 36.19 -13.59 6.12
C VAL B 100 35.11 -13.71 7.19
N GLY B 101 35.10 -14.82 7.90
CA GLY B 101 33.97 -15.10 8.78
C GLY B 101 32.70 -15.15 7.95
N PHE B 102 31.71 -14.36 8.36
CA PHE B 102 30.51 -14.21 7.55
C PHE B 102 30.88 -13.54 6.22
N GLU B 103 30.21 -13.94 5.15
CA GLU B 103 30.57 -13.47 3.83
C GLU B 103 30.37 -11.95 3.72
N TYR B 104 31.20 -11.32 2.90
CA TYR B 104 31.12 -9.89 2.62
C TYR B 104 31.13 -9.68 1.12
N TRP B 105 30.19 -8.87 0.62
CA TRP B 105 30.08 -8.55 -0.79
C TRP B 105 30.45 -7.10 -1.01
N GLY B 106 31.39 -6.86 -1.93
CA GLY B 106 31.81 -5.51 -2.23
C GLY B 106 30.81 -4.76 -3.08
N GLN B 107 30.96 -3.43 -3.10
CA GLN B 107 30.07 -2.59 -3.89
C GLN B 107 30.33 -2.75 -5.38
N GLY B 108 31.59 -2.99 -5.76
CA GLY B 108 31.93 -3.22 -7.16
C GLY B 108 31.76 -1.96 -7.99
N THR B 109 32.01 -2.13 -9.29
CA THR B 109 31.86 -1.05 -10.26
C THR B 109 31.26 -1.62 -11.54
N GLN B 110 30.64 -0.74 -12.31
CA GLN B 110 29.98 -1.11 -13.56
C GLN B 110 30.84 -0.67 -14.74
N VAL B 111 31.04 -1.57 -15.70
CA VAL B 111 31.81 -1.30 -16.90
C VAL B 111 31.09 -1.91 -18.09
N MET B 112 31.01 -1.14 -19.18
CA MET B 112 30.34 -1.58 -20.40
C MET B 112 31.16 -1.17 -21.60
N VAL B 113 31.19 -2.04 -22.62
CA VAL B 113 31.92 -1.76 -23.84
C VAL B 113 31.23 -0.66 -24.63
N GLN C 4 5.23 -6.62 -19.84
CA GLN C 4 6.63 -6.31 -19.62
C GLN C 4 7.02 -5.03 -20.33
N LEU C 5 7.89 -4.24 -19.71
CA LEU C 5 8.36 -2.97 -20.25
C LEU C 5 9.78 -3.14 -20.76
N VAL C 6 10.01 -2.72 -22.00
CA VAL C 6 11.32 -2.82 -22.65
C VAL C 6 11.90 -1.42 -22.78
N GLU C 7 13.15 -1.27 -22.35
CA GLU C 7 13.86 0.00 -22.37
C GLU C 7 15.14 -0.15 -23.16
N ASN C 8 15.52 0.91 -23.89
CA ASN C 8 16.70 0.84 -24.74
C ASN C 8 17.19 2.24 -25.03
N GLY C 9 18.38 2.32 -25.64
CA GLY C 9 18.94 3.58 -26.10
C GLY C 9 19.93 4.24 -25.18
N GLY C 10 20.43 3.54 -24.18
CA GLY C 10 21.39 4.11 -23.24
C GLY C 10 22.80 3.63 -23.50
N GLY C 11 23.72 4.58 -23.61
CA GLY C 11 25.12 4.26 -23.79
C GLY C 11 26.00 5.35 -23.23
N CYS C 12 27.24 4.97 -22.90
CA CYS C 12 28.17 5.92 -22.31
C CYS C 12 28.57 6.98 -23.33
N VAL C 13 28.66 8.23 -22.88
CA VAL C 13 28.97 9.35 -23.77
C VAL C 13 29.81 10.37 -23.01
N LYS C 14 30.24 11.42 -23.71
CA LYS C 14 31.01 12.49 -23.11
C LYS C 14 30.11 13.39 -22.27
N ALA C 15 30.74 14.32 -21.56
CA ALA C 15 30.00 15.27 -20.75
C ALA C 15 29.16 16.17 -21.64
N GLY C 16 27.90 16.39 -21.25
CA GLY C 16 27.00 17.22 -22.03
C GLY C 16 26.33 16.52 -23.19
N GLY C 17 26.51 15.22 -23.32
CA GLY C 17 25.91 14.49 -24.42
C GLY C 17 24.40 14.37 -24.27
N SER C 18 23.76 13.97 -25.36
CA SER C 18 22.31 13.82 -25.43
C SER C 18 21.97 12.38 -25.75
N LEU C 19 21.11 11.79 -24.91
CA LEU C 19 20.63 10.42 -25.09
C LEU C 19 19.10 10.44 -25.10
N ARG C 20 18.52 9.80 -26.11
CA ARG C 20 17.08 9.68 -26.25
C ARG C 20 16.71 8.24 -25.89
N LEU C 21 16.41 8.00 -24.62
CA LEU C 21 16.06 6.66 -24.16
C LEU C 21 14.62 6.34 -24.53
N SER C 22 14.41 5.17 -25.12
CA SER C 22 13.11 4.75 -25.60
C SER C 22 12.55 3.65 -24.71
N CYS C 23 11.31 3.79 -24.29
CA CYS C 23 10.63 2.81 -23.46
C CYS C 23 9.29 2.46 -24.08
N ALA C 24 8.97 1.17 -24.09
CA ALA C 24 7.72 0.67 -24.65
C ALA C 24 7.22 -0.49 -23.80
N ALA C 25 5.99 -0.92 -24.09
CA ALA C 25 5.35 -2.01 -23.36
C ALA C 25 5.00 -3.13 -24.32
N SER C 26 5.30 -4.37 -23.93
CA SER C 26 4.99 -5.53 -24.76
C SER C 26 3.55 -5.99 -24.56
N GLN C 27 2.99 -5.78 -23.36
CA GLN C 27 1.62 -6.20 -23.10
C GLN C 27 0.63 -5.48 -24.01
N GLY C 28 0.83 -4.18 -24.20
CA GLY C 28 -0.05 -3.41 -25.04
C GLY C 28 0.31 -1.94 -25.00
N THR C 29 -0.57 -1.13 -25.57
CA THR C 29 -0.35 0.32 -25.58
C THR C 29 -0.26 0.85 -24.16
N LEU C 30 0.71 1.73 -23.92
CA LEU C 30 0.93 2.33 -22.62
C LEU C 30 0.45 3.77 -22.56
N SER C 31 -0.34 4.22 -23.53
CA SER C 31 -0.84 5.58 -23.51
C SER C 31 -1.63 5.85 -22.23
N ASN C 32 -2.44 4.88 -21.81
CA ASN C 32 -3.20 5.04 -20.57
C ASN C 32 -2.28 5.00 -19.35
N LEU C 33 -1.26 4.13 -19.38
CA LEU C 33 -0.42 3.93 -18.22
C LEU C 33 0.50 5.11 -17.98
N VAL C 34 0.71 5.44 -16.71
CA VAL C 34 1.65 6.48 -16.32
C VAL C 34 3.05 5.90 -16.36
N THR C 35 4.01 6.67 -16.88
CA THR C 35 5.36 6.18 -17.07
C THR C 35 6.34 6.97 -16.21
N GLY C 36 7.44 6.34 -15.83
CA GLY C 36 8.43 7.01 -15.01
C GLY C 36 9.80 6.40 -15.21
N TRP C 37 10.82 7.23 -14.95
CA TRP C 37 12.21 6.84 -15.05
C TRP C 37 12.88 7.04 -13.71
N PHE C 38 13.66 6.04 -13.30
CA PHE C 38 14.34 6.01 -12.01
C PHE C 38 15.82 5.76 -12.25
N ARG C 39 16.65 6.15 -11.28
CA ARG C 39 18.07 5.87 -11.35
C ARG C 39 18.56 5.28 -10.04
N ARG C 40 19.49 4.34 -10.15
CA ARG C 40 20.13 3.72 -8.99
C ARG C 40 21.62 3.92 -9.09
N ALA C 41 22.20 4.59 -8.09
CA ALA C 41 23.65 4.79 -8.05
C ALA C 41 24.36 3.50 -7.62
N PRO C 42 25.56 3.25 -8.12
CA PRO C 42 26.28 2.05 -7.66
C PRO C 42 26.60 2.09 -6.18
N GLY C 43 27.06 3.23 -5.66
CA GLY C 43 27.41 3.38 -4.27
C GLY C 43 26.45 4.18 -3.44
N LYS C 44 25.28 4.53 -3.98
CA LYS C 44 24.32 5.36 -3.27
C LYS C 44 22.92 4.80 -3.46
N GLU C 45 22.01 5.23 -2.58
CA GLU C 45 20.63 4.78 -2.66
C GLU C 45 19.97 5.27 -3.95
N ARG C 46 18.99 4.53 -4.41
CA ARG C 46 18.32 4.87 -5.67
C ARG C 46 17.64 6.23 -5.56
N GLU C 47 17.68 6.97 -6.66
CA GLU C 47 17.05 8.28 -6.77
C GLU C 47 16.03 8.27 -7.90
N PHE C 48 15.48 9.44 -8.21
CA PHE C 48 14.44 9.59 -9.21
C PHE C 48 14.98 10.34 -10.42
N VAL C 49 14.53 9.94 -11.61
CA VAL C 49 14.91 10.63 -12.84
C VAL C 49 13.79 11.55 -13.29
N ALA C 50 12.60 11.00 -13.53
CA ALA C 50 11.51 11.83 -14.04
C ALA C 50 10.23 11.00 -14.07
N ASN C 51 9.14 11.66 -14.47
CA ASN C 51 7.83 11.00 -14.55
C ASN C 51 6.96 11.73 -15.56
N ILE C 52 6.12 10.97 -16.26
CA ILE C 52 5.09 11.50 -17.13
C ILE C 52 3.77 10.85 -16.73
N GLY C 53 2.80 11.69 -16.31
CA GLY C 53 1.51 11.20 -15.88
C GLY C 53 0.52 11.09 -17.02
N ARG C 54 -0.67 10.61 -16.68
CA ARG C 54 -1.71 10.40 -17.68
C ARG C 54 -2.34 11.72 -18.12
N ASP C 55 -2.35 12.73 -17.25
CA ASP C 55 -2.90 14.03 -17.63
C ASP C 55 -2.07 14.69 -18.72
N GLY C 56 -0.74 14.58 -18.61
CA GLY C 56 0.14 15.18 -19.59
C GLY C 56 1.31 15.93 -18.99
N LEU C 57 1.46 15.84 -17.66
CA LEU C 57 2.55 16.53 -16.99
C LEU C 57 3.87 15.79 -17.24
N THR C 58 4.97 16.55 -17.10
CA THR C 58 6.32 16.01 -17.18
C THR C 58 7.09 16.55 -15.98
N VAL C 59 7.16 15.74 -14.92
CA VAL C 59 7.75 16.16 -13.66
C VAL C 59 9.18 15.64 -13.58
N TYR C 60 10.09 16.50 -13.15
CA TYR C 60 11.51 16.17 -13.04
C TYR C 60 12.01 16.52 -11.65
N SER C 61 12.97 15.74 -11.16
CA SER C 61 13.55 16.02 -9.86
C SER C 61 14.26 17.36 -9.87
N ASN C 62 14.24 18.04 -8.72
CA ASN C 62 14.80 19.38 -8.65
C ASN C 62 16.26 19.41 -9.07
N SER C 63 17.02 18.38 -8.69
CA SER C 63 18.44 18.35 -9.05
C SER C 63 18.63 18.30 -10.55
N VAL C 64 17.82 17.51 -11.25
CA VAL C 64 17.94 17.34 -12.69
C VAL C 64 16.93 18.22 -13.45
N LYS C 65 16.20 19.07 -12.74
CA LYS C 65 15.21 19.92 -13.38
C LYS C 65 15.86 20.78 -14.46
N GLY C 66 15.21 20.84 -15.62
CA GLY C 66 15.74 21.60 -16.73
C GLY C 66 16.72 20.88 -17.62
N ARG C 67 16.96 19.59 -17.37
CA ARG C 67 17.90 18.79 -18.16
C ARG C 67 17.21 17.75 -19.02
N PHE C 68 16.38 16.90 -18.42
CA PHE C 68 15.70 15.83 -19.14
C PHE C 68 14.31 16.27 -19.57
N THR C 69 13.87 15.75 -20.71
CA THR C 69 12.54 16.05 -21.23
C THR C 69 11.90 14.75 -21.68
N ILE C 70 10.75 14.42 -21.10
CA ILE C 70 10.00 13.21 -21.42
C ILE C 70 8.88 13.57 -22.38
N SER C 71 8.62 12.69 -23.35
CA SER C 71 7.52 12.89 -24.29
C SER C 71 6.95 11.54 -24.66
N ARG C 72 5.64 11.37 -24.49
CA ARG C 72 4.95 10.16 -24.88
C ARG C 72 4.27 10.36 -26.23
N ASP C 73 4.39 9.36 -27.09
CA ASP C 73 3.79 9.38 -28.42
C ASP C 73 2.78 8.25 -28.51
N ARG C 74 1.51 8.60 -28.72
CA ARG C 74 0.46 7.59 -28.84
C ARG C 74 0.53 6.90 -30.20
N ALA C 75 0.85 7.66 -31.25
CA ALA C 75 0.98 7.07 -32.58
C ALA C 75 2.04 5.97 -32.58
N LYS C 76 3.19 6.25 -31.99
CA LYS C 76 4.24 5.25 -31.81
C LYS C 76 4.10 4.48 -30.51
N ASN C 77 3.23 4.93 -29.59
CA ASN C 77 3.02 4.26 -28.31
C ASN C 77 4.35 4.03 -27.60
N THR C 78 5.14 5.10 -27.48
CA THR C 78 6.48 4.99 -26.93
C THR C 78 6.81 6.24 -26.12
N VAL C 79 7.59 6.05 -25.06
CA VAL C 79 8.03 7.16 -24.22
C VAL C 79 9.49 7.43 -24.53
N TYR C 80 9.80 8.68 -24.90
CA TYR C 80 11.15 9.09 -25.25
C TYR C 80 11.64 10.10 -24.21
N LEU C 81 12.79 9.80 -23.61
CA LEU C 81 13.43 10.67 -22.63
C LEU C 81 14.69 11.25 -23.26
N GLN C 82 14.61 12.52 -23.67
CA GLN C 82 15.73 13.22 -24.25
C GLN C 82 16.55 13.87 -23.14
N MET C 83 17.87 13.75 -23.25
CA MET C 83 18.79 14.26 -22.24
C MET C 83 19.61 15.41 -22.81
N ASP C 84 19.82 16.44 -21.99
CA ASP C 84 20.63 17.59 -22.37
C ASP C 84 21.50 17.99 -21.19
N SER C 85 22.71 18.47 -21.50
CA SER C 85 23.65 18.91 -20.47
C SER C 85 23.89 17.80 -19.45
N LEU C 86 24.12 16.59 -19.94
CA LEU C 86 24.36 15.45 -19.06
C LEU C 86 25.58 15.69 -18.19
N LYS C 87 25.48 15.31 -16.93
CA LYS C 87 26.49 15.59 -15.92
C LYS C 87 26.97 14.29 -15.27
N PRO C 88 28.15 14.31 -14.63
CA PRO C 88 28.67 13.08 -14.04
C PRO C 88 27.79 12.49 -12.95
N GLU C 89 26.91 13.30 -12.34
CA GLU C 89 26.04 12.79 -11.29
C GLU C 89 25.04 11.76 -11.81
N ASP C 90 24.87 11.64 -13.11
CA ASP C 90 23.90 10.73 -13.71
C ASP C 90 24.53 9.39 -14.09
N THR C 91 25.59 8.98 -13.39
CA THR C 91 26.21 7.69 -13.66
C THR C 91 25.31 6.52 -13.28
N ALA C 92 24.26 6.77 -12.50
CA ALA C 92 23.38 5.71 -12.04
C ALA C 92 22.71 5.01 -13.22
N VAL C 93 22.34 3.74 -12.99
CA VAL C 93 21.64 2.96 -14.00
C VAL C 93 20.18 3.37 -14.03
N TYR C 94 19.62 3.48 -15.23
CA TYR C 94 18.26 3.97 -15.44
C TYR C 94 17.29 2.82 -15.64
N TYR C 95 16.12 2.92 -15.00
CA TYR C 95 15.06 1.94 -15.11
C TYR C 95 13.77 2.64 -15.53
N CYS C 96 13.04 2.03 -16.47
CA CYS C 96 11.74 2.52 -16.90
C CYS C 96 10.66 1.69 -16.24
N ALA C 97 9.65 2.35 -15.69
CA ALA C 97 8.57 1.67 -14.99
C ALA C 97 7.23 2.29 -15.38
N GLY C 98 6.17 1.50 -15.21
CA GLY C 98 4.84 1.94 -15.56
C GLY C 98 3.85 1.62 -14.45
N ARG C 99 2.74 2.35 -14.49
CA ARG C 99 1.66 2.20 -13.51
C ARG C 99 0.32 2.28 -14.22
N LEU C 100 -0.66 1.56 -13.67
CA LEU C 100 -2.01 1.54 -14.21
C LEU C 100 -2.87 2.70 -13.71
N SER C 101 -2.44 3.41 -12.68
CA SER C 101 -3.25 4.44 -12.04
C SER C 101 -2.57 5.80 -12.19
N ARG C 102 -3.41 6.85 -12.24
CA ARG C 102 -2.92 8.22 -12.33
C ARG C 102 -2.35 8.72 -11.01
N PHE C 103 -2.57 8.02 -9.93
CA PHE C 103 -2.39 8.61 -8.61
C PHE C 103 -1.04 8.21 -8.02
N PRO C 104 -0.51 9.00 -7.08
CA PRO C 104 0.81 8.69 -6.53
C PRO C 104 0.84 7.31 -5.88
N GLY C 105 1.98 6.65 -6.01
CA GLY C 105 2.14 5.33 -5.47
C GLY C 105 3.27 4.59 -6.17
N GLU C 106 3.45 3.34 -5.77
CA GLU C 106 4.49 2.50 -6.35
C GLU C 106 4.06 1.96 -7.70
N TYR C 107 4.97 1.98 -8.66
CA TYR C 107 4.67 1.50 -9.99
C TYR C 107 4.61 -0.02 -10.02
N ASP C 108 3.57 -0.57 -10.64
CA ASP C 108 3.39 -2.02 -10.64
C ASP C 108 4.41 -2.71 -11.55
N TYR C 109 4.63 -2.18 -12.74
CA TYR C 109 5.52 -2.80 -13.70
C TYR C 109 6.94 -2.26 -13.55
N TRP C 110 7.88 -2.95 -14.20
CA TRP C 110 9.28 -2.56 -14.14
C TRP C 110 9.97 -3.03 -15.41
N SER C 111 11.17 -2.49 -15.65
CA SER C 111 11.96 -2.82 -16.83
C SER C 111 13.41 -3.07 -16.41
N LYS C 112 14.12 -3.83 -17.23
CA LYS C 112 15.50 -4.18 -16.93
C LYS C 112 16.38 -2.93 -16.88
N GLY C 113 16.21 -2.02 -17.85
CA GLY C 113 16.99 -0.81 -17.89
C GLY C 113 18.34 -0.99 -18.56
N THR C 114 19.03 0.12 -18.73
CA THR C 114 20.34 0.15 -19.37
C THR C 114 21.27 1.06 -18.58
N PRO C 115 22.56 0.77 -18.55
CA PRO C 115 23.50 1.64 -17.84
C PRO C 115 23.76 2.92 -18.62
N VAL C 116 24.16 3.96 -17.89
CA VAL C 116 24.53 5.25 -18.45
C VAL C 116 25.76 5.77 -17.71
N MET C 117 26.65 6.42 -18.45
CA MET C 117 27.88 6.93 -17.89
C MET C 117 28.15 8.32 -18.44
N VAL C 118 29.08 9.03 -17.79
CA VAL C 118 29.48 10.37 -18.21
C VAL C 118 30.95 10.54 -17.89
N SER C 119 31.65 11.27 -18.75
CA SER C 119 33.07 11.54 -18.56
C SER C 119 33.86 10.23 -18.45
N GLY D 100 -23.26 -14.97 0.86
CA GLY D 100 -21.82 -14.86 0.65
C GLY D 100 -21.32 -13.43 0.77
N ARG D 101 -20.18 -13.16 0.14
CA ARG D 101 -19.61 -11.82 0.20
C ARG D 101 -20.53 -10.79 -0.44
N GLY D 102 -21.14 -11.15 -1.58
CA GLY D 102 -22.08 -10.23 -2.21
C GLY D 102 -23.28 -9.95 -1.33
N ALA D 103 -23.81 -10.98 -0.67
CA ALA D 103 -24.91 -10.78 0.26
C ALA D 103 -24.47 -9.89 1.42
N ALA D 104 -23.25 -10.09 1.91
CA ALA D 104 -22.74 -9.23 2.98
C ALA D 104 -22.70 -7.78 2.54
N ALA D 105 -22.20 -7.53 1.32
CA ALA D 105 -22.15 -6.17 0.82
C ALA D 105 -23.55 -5.58 0.67
N ALA D 106 -24.51 -6.38 0.19
CA ALA D 106 -25.87 -5.90 0.05
C ALA D 106 -26.47 -5.52 1.41
N ILE D 107 -26.27 -6.37 2.42
CA ILE D 107 -26.80 -6.06 3.75
C ILE D 107 -26.11 -4.84 4.33
N LEU D 108 -24.82 -4.67 4.07
CA LEU D 108 -24.12 -3.48 4.53
C LEU D 108 -24.67 -2.22 3.85
N SER D 109 -24.97 -2.31 2.56
CA SER D 109 -25.56 -1.16 1.86
C SER D 109 -26.93 -0.84 2.44
N LEU D 110 -27.74 -1.86 2.72
CA LEU D 110 -29.04 -1.62 3.34
C LEU D 110 -28.88 -0.98 4.72
N GLY D 111 -27.89 -1.45 5.49
CA GLY D 111 -27.64 -0.86 6.79
C GLY D 111 -27.25 0.60 6.69
N ASN D 112 -26.41 0.94 5.72
CA ASN D 112 -26.06 2.35 5.51
C ASN D 112 -27.28 3.16 5.08
N VAL D 113 -28.13 2.58 4.24
CA VAL D 113 -29.36 3.26 3.84
C VAL D 113 -30.20 3.59 5.07
N LEU D 114 -30.39 2.61 5.95
CA LEU D 114 -31.15 2.86 7.18
C LEU D 114 -30.45 3.84 8.10
N ASN D 115 -29.11 3.79 8.15
CA ASN D 115 -28.35 4.72 8.95
C ASN D 115 -28.64 6.16 8.54
N TYR D 116 -28.54 6.45 7.24
CA TYR D 116 -28.82 7.81 6.78
C TYR D 116 -30.31 8.13 6.88
N LEU D 117 -31.17 7.12 6.71
CA LEU D 117 -32.59 7.30 6.94
C LEU D 117 -32.85 7.87 8.32
N ASP D 118 -32.26 7.25 9.35
CA ASP D 118 -32.47 7.71 10.71
C ASP D 118 -31.69 8.99 11.00
N ARG D 119 -30.59 9.22 10.28
CA ARG D 119 -29.87 10.48 10.44
C ARG D 119 -30.73 11.66 10.02
N TYR D 120 -31.44 11.53 8.90
CA TYR D 120 -32.19 12.66 8.34
C TYR D 120 -33.70 12.52 8.53
N THR D 121 -34.16 11.55 9.32
CA THR D 121 -35.58 11.51 9.65
C THR D 121 -36.01 12.74 10.44
N VAL D 122 -35.15 13.22 11.34
CA VAL D 122 -35.52 14.35 12.19
C VAL D 122 -35.76 15.60 11.36
N ALA D 123 -35.06 15.73 10.22
CA ALA D 123 -35.25 16.91 9.39
C ALA D 123 -36.68 17.01 8.87
N GLY D 124 -37.30 15.86 8.56
CA GLY D 124 -38.65 15.90 8.03
C GLY D 124 -39.67 16.40 9.02
N VAL D 125 -39.56 15.98 10.28
CA VAL D 125 -40.53 16.32 11.31
C VAL D 125 -39.97 17.34 12.29
N LEU D 126 -38.95 18.10 11.87
CA LEU D 126 -38.46 19.20 12.70
C LEU D 126 -39.58 20.13 13.13
N LEU D 127 -40.50 20.47 12.21
CA LEU D 127 -41.58 21.38 12.56
C LEU D 127 -42.45 20.80 13.66
N ASP D 128 -42.84 19.53 13.53
CA ASP D 128 -43.66 18.91 14.56
C ASP D 128 -42.91 18.82 15.88
N ILE D 129 -41.61 18.52 15.83
CA ILE D 129 -40.82 18.40 17.05
C ILE D 129 -40.77 19.73 17.77
N GLN D 130 -40.51 20.81 17.04
CA GLN D 130 -40.44 22.13 17.67
C GLN D 130 -41.80 22.58 18.18
N GLN D 131 -42.88 22.25 17.47
CA GLN D 131 -44.21 22.63 17.93
C GLN D 131 -44.57 21.88 19.20
N HIS D 132 -44.25 20.59 19.27
CA HIS D 132 -44.63 19.77 20.42
C HIS D 132 -43.78 20.09 21.64
N PHE D 133 -42.48 20.30 21.44
CA PHE D 133 -41.58 20.58 22.55
C PHE D 133 -41.57 22.04 22.96
N GLY D 134 -42.21 22.92 22.21
CA GLY D 134 -42.26 24.32 22.56
C GLY D 134 -40.89 24.97 22.63
N VAL D 135 -40.07 24.73 21.62
CA VAL D 135 -38.72 25.28 21.54
C VAL D 135 -38.64 26.21 20.33
N LYS D 136 -37.60 27.03 20.33
CA LYS D 136 -37.36 27.99 19.26
C LYS D 136 -36.45 27.36 18.20
N ASP D 137 -36.01 28.16 17.23
CA ASP D 137 -35.11 27.65 16.20
C ASP D 137 -33.77 27.23 16.79
N ARG D 138 -33.35 27.86 17.88
CA ARG D 138 -32.11 27.45 18.54
C ARG D 138 -32.20 26.01 19.03
N GLY D 139 -33.33 25.64 19.64
CA GLY D 139 -33.52 24.26 20.05
C GLY D 139 -33.53 23.31 18.86
N ALA D 140 -34.10 23.75 17.74
CA ALA D 140 -34.05 22.94 16.52
C ALA D 140 -32.61 22.72 16.08
N GLY D 141 -31.78 23.75 16.15
CA GLY D 141 -30.38 23.58 15.78
C GLY D 141 -29.64 22.62 16.70
N LEU D 142 -29.83 22.78 18.02
CA LEU D 142 -29.15 21.94 19.00
C LEU D 142 -29.10 20.49 18.59
N LEU D 143 -30.21 19.94 18.09
CA LEU D 143 -30.26 18.53 17.76
C LEU D 143 -29.14 18.15 16.80
N GLN D 144 -29.17 18.71 15.60
CA GLN D 144 -28.16 18.37 14.60
C GLN D 144 -26.77 18.80 15.04
N SER D 145 -26.66 19.95 15.71
CA SER D 145 -25.34 20.42 16.13
C SER D 145 -24.66 19.42 17.04
N VAL D 146 -25.35 18.99 18.11
CA VAL D 146 -24.74 18.06 19.05
C VAL D 146 -24.55 16.70 18.39
N PHE D 147 -25.51 16.29 17.55
CA PHE D 147 -25.37 15.02 16.84
C PHE D 147 -24.08 14.97 16.05
N ILE D 148 -23.84 15.99 15.22
CA ILE D 148 -22.66 15.99 14.36
C ILE D 148 -21.40 16.16 15.18
N CYS D 149 -21.46 16.97 16.24
CA CYS D 149 -20.29 17.13 17.10
C CYS D 149 -19.87 15.79 17.70
N SER D 150 -20.85 15.04 18.22
CA SER D 150 -20.54 13.73 18.78
C SER D 150 -20.02 12.78 17.70
N PHE D 151 -20.64 12.81 16.52
CA PHE D 151 -20.19 11.97 15.41
C PHE D 151 -18.71 12.20 15.12
N MET D 152 -18.32 13.46 14.93
CA MET D 152 -16.94 13.78 14.56
C MET D 152 -15.99 13.52 15.71
N VAL D 153 -16.40 13.76 16.96
CA VAL D 153 -15.53 13.49 18.09
C VAL D 153 -15.31 11.99 18.26
N ALA D 154 -16.30 11.18 17.88
CA ALA D 154 -16.24 9.75 18.16
C ALA D 154 -15.60 8.93 17.04
N ALA D 155 -15.62 9.41 15.79
CA ALA D 155 -15.10 8.61 14.69
C ALA D 155 -13.68 8.11 14.91
N PRO D 156 -12.71 8.93 15.31
CA PRO D 156 -11.34 8.40 15.52
C PRO D 156 -11.28 7.27 16.53
N ILE D 157 -12.04 7.39 17.61
CA ILE D 157 -12.08 6.31 18.60
C ILE D 157 -12.58 5.03 17.95
N PHE D 158 -13.53 5.14 17.03
CA PHE D 158 -14.02 3.96 16.34
C PHE D 158 -12.98 3.36 15.40
N GLY D 159 -12.16 4.21 14.77
CA GLY D 159 -11.04 3.67 14.01
C GLY D 159 -10.08 2.88 14.89
N TYR D 160 -9.74 3.44 16.05
CA TYR D 160 -8.83 2.76 16.95
C TYR D 160 -9.45 1.47 17.48
N LEU D 161 -10.76 1.48 17.74
CA LEU D 161 -11.46 0.26 18.12
C LEU D 161 -11.40 -0.79 17.02
N GLY D 162 -11.64 -0.38 15.76
CA GLY D 162 -11.55 -1.31 14.66
C GLY D 162 -10.18 -1.96 14.59
N ASP D 163 -9.13 -1.20 14.86
CA ASP D 163 -7.81 -1.80 15.01
C ASP D 163 -7.79 -2.76 16.19
N ARG D 164 -8.38 -2.37 17.32
CA ARG D 164 -8.29 -3.16 18.55
C ARG D 164 -9.11 -4.43 18.47
N PHE D 165 -10.37 -4.34 18.02
CA PHE D 165 -11.27 -5.48 17.99
C PHE D 165 -11.80 -5.69 16.58
N ASN D 166 -12.43 -6.86 16.37
CA ASN D 166 -12.96 -7.19 15.06
C ASN D 166 -14.05 -6.20 14.67
N ARG D 167 -14.12 -5.91 13.37
CA ARG D 167 -15.03 -4.88 12.89
C ARG D 167 -16.49 -5.31 13.03
N LYS D 168 -16.78 -6.59 12.78
CA LYS D 168 -18.17 -7.05 12.74
C LYS D 168 -18.88 -6.82 14.07
N VAL D 169 -18.24 -7.19 15.18
CA VAL D 169 -18.89 -7.07 16.48
C VAL D 169 -19.18 -5.62 16.80
N ILE D 170 -18.21 -4.73 16.53
CA ILE D 170 -18.42 -3.31 16.80
C ILE D 170 -19.55 -2.77 15.93
N LEU D 171 -19.58 -3.15 14.66
CA LEU D 171 -20.62 -2.65 13.77
C LEU D 171 -21.99 -3.09 14.24
N SER D 172 -22.14 -4.37 14.57
CA SER D 172 -23.45 -4.87 15.02
C SER D 172 -23.85 -4.23 16.35
N CYS D 173 -22.91 -4.10 17.28
CA CYS D 173 -23.22 -3.47 18.56
C CYS D 173 -23.66 -2.04 18.38
N GLY D 174 -22.99 -1.29 17.51
CA GLY D 174 -23.41 0.07 17.22
C GLY D 174 -24.79 0.14 16.59
N ILE D 175 -25.04 -0.75 15.61
CA ILE D 175 -26.37 -0.84 15.01
C ILE D 175 -27.43 -0.97 16.09
N PHE D 176 -27.31 -2.00 16.92
CA PHE D 176 -28.31 -2.24 17.95
C PHE D 176 -28.40 -1.07 18.92
N PHE D 177 -27.25 -0.53 19.32
CA PHE D 177 -27.23 0.54 20.31
C PHE D 177 -28.00 1.76 19.81
N TRP D 178 -27.66 2.25 18.61
CA TRP D 178 -28.33 3.46 18.14
C TRP D 178 -29.76 3.18 17.71
N SER D 179 -30.07 1.94 17.29
CA SER D 179 -31.46 1.61 17.01
C SER D 179 -32.31 1.70 18.28
N ALA D 180 -31.81 1.11 19.37
CA ALA D 180 -32.53 1.19 20.64
C ALA D 180 -32.62 2.63 21.13
N VAL D 181 -31.55 3.40 20.95
CA VAL D 181 -31.57 4.80 21.38
C VAL D 181 -32.62 5.58 20.60
N THR D 182 -32.68 5.38 19.29
CA THR D 182 -33.69 6.07 18.48
C THR D 182 -35.10 5.65 18.89
N PHE D 183 -35.31 4.36 19.14
CA PHE D 183 -36.63 3.91 19.57
C PHE D 183 -37.02 4.56 20.91
N SER D 184 -36.08 4.63 21.85
CA SER D 184 -36.39 5.23 23.14
C SER D 184 -36.65 6.72 23.02
N SER D 185 -35.89 7.40 22.15
CA SER D 185 -36.05 8.84 22.00
C SER D 185 -37.46 9.20 21.51
N SER D 186 -38.12 8.28 20.81
CA SER D 186 -39.48 8.55 20.37
C SER D 186 -40.41 8.78 21.56
N PHE D 187 -40.17 8.10 22.67
CA PHE D 187 -40.98 8.24 23.88
C PHE D 187 -40.23 9.13 24.87
N ILE D 188 -40.39 10.44 24.68
CA ILE D 188 -39.75 11.44 25.53
C ILE D 188 -40.85 12.35 26.07
N PRO D 189 -40.86 12.65 27.37
CA PRO D 189 -41.87 13.59 27.88
C PRO D 189 -41.74 14.95 27.22
N GLN D 190 -42.88 15.58 26.98
CA GLN D 190 -42.89 16.90 26.34
C GLN D 190 -42.14 17.93 27.19
N GLN D 191 -42.12 17.75 28.51
CA GLN D 191 -41.46 18.71 29.38
C GLN D 191 -39.94 18.67 29.20
N TYR D 192 -39.37 17.47 29.06
CA TYR D 192 -37.93 17.30 28.97
C TYR D 192 -37.48 17.36 27.52
N PHE D 193 -36.50 18.22 27.26
CA PHE D 193 -35.91 18.36 25.92
C PHE D 193 -34.46 17.93 25.84
N TRP D 194 -33.72 18.01 26.96
CA TRP D 194 -32.32 17.60 26.93
C TRP D 194 -32.17 16.12 26.63
N LEU D 195 -33.19 15.32 26.96
CA LEU D 195 -33.14 13.89 26.64
C LEU D 195 -33.07 13.68 25.13
N LEU D 196 -33.80 14.49 24.37
CA LEU D 196 -33.78 14.34 22.91
C LEU D 196 -32.39 14.64 22.34
N VAL D 197 -31.74 15.70 22.82
CA VAL D 197 -30.41 16.03 22.31
C VAL D 197 -29.40 14.98 22.74
N LEU D 198 -29.55 14.45 23.97
CA LEU D 198 -28.67 13.37 24.40
C LEU D 198 -28.83 12.14 23.52
N SER D 199 -30.08 11.79 23.19
CA SER D 199 -30.32 10.66 22.30
C SER D 199 -29.74 10.92 20.92
N ARG D 200 -29.85 12.16 20.43
CA ARG D 200 -29.25 12.51 19.14
C ARG D 200 -27.73 12.35 19.19
N GLY D 201 -27.11 12.76 20.29
CA GLY D 201 -25.67 12.58 20.43
C GLY D 201 -25.28 11.11 20.44
N LEU D 202 -26.03 10.28 21.14
CA LEU D 202 -25.74 8.84 21.14
C LEU D 202 -25.92 8.25 19.75
N VAL D 203 -26.96 8.68 19.03
CA VAL D 203 -27.16 8.21 17.66
C VAL D 203 -26.00 8.65 16.78
N GLY D 204 -25.47 9.85 17.04
CA GLY D 204 -24.29 10.29 16.32
C GLY D 204 -23.08 9.42 16.61
N ILE D 205 -22.92 9.01 17.86
CA ILE D 205 -21.86 8.06 18.22
C ILE D 205 -22.02 6.79 17.38
N GLY D 206 -23.23 6.23 17.35
CA GLY D 206 -23.46 5.02 16.60
C GLY D 206 -23.21 5.19 15.11
N GLU D 207 -23.65 6.31 14.55
CA GLU D 207 -23.47 6.56 13.12
C GLU D 207 -22.00 6.74 12.78
N ALA D 208 -21.25 7.40 13.66
CA ALA D 208 -19.81 7.50 13.45
C ALA D 208 -19.16 6.12 13.49
N SER D 209 -19.59 5.27 14.42
CA SER D 209 -19.08 3.90 14.45
C SER D 209 -19.35 3.20 13.12
N TYR D 210 -20.57 3.31 12.62
CA TYR D 210 -20.91 2.66 11.35
C TYR D 210 -20.06 3.20 10.21
N SER D 211 -19.99 4.53 10.08
CA SER D 211 -19.26 5.13 8.98
C SER D 211 -17.78 4.80 9.05
N THR D 212 -17.24 4.58 10.24
CA THR D 212 -15.81 4.30 10.36
C THR D 212 -15.51 2.82 10.17
N ILE D 213 -16.44 1.93 10.51
CA ILE D 213 -16.17 0.49 10.46
C ILE D 213 -16.59 -0.10 9.12
N ALA D 214 -17.78 0.23 8.63
CA ALA D 214 -18.29 -0.40 7.41
C ALA D 214 -17.34 -0.28 6.23
N PRO D 215 -16.71 0.87 5.96
CA PRO D 215 -15.78 0.91 4.81
C PRO D 215 -14.66 -0.10 4.90
N THR D 216 -14.12 -0.33 6.10
CA THR D 216 -13.05 -1.31 6.25
C THR D 216 -13.55 -2.71 5.91
N ILE D 217 -14.74 -3.07 6.39
CA ILE D 217 -15.31 -4.37 6.04
C ILE D 217 -15.51 -4.49 4.54
N ILE D 218 -16.07 -3.45 3.92
CA ILE D 218 -16.31 -3.49 2.49
C ILE D 218 -15.01 -3.69 1.74
N GLY D 219 -13.95 -2.99 2.16
CA GLY D 219 -12.66 -3.17 1.50
C GLY D 219 -12.07 -4.56 1.71
N ASP D 220 -12.28 -5.13 2.90
CA ASP D 220 -11.69 -6.44 3.21
C ASP D 220 -12.44 -7.58 2.52
N LEU D 221 -13.74 -7.42 2.27
CA LEU D 221 -14.50 -8.49 1.64
C LEU D 221 -13.97 -8.81 0.25
N PHE D 222 -13.64 -7.78 -0.54
CA PHE D 222 -13.17 -7.94 -1.89
C PHE D 222 -11.85 -7.22 -2.08
N THR D 223 -10.93 -7.86 -2.82
CA THR D 223 -9.65 -7.27 -3.18
C THR D 223 -9.46 -7.21 -4.70
N LYS D 224 -10.56 -7.32 -5.45
CA LYS D 224 -10.54 -7.33 -6.90
C LYS D 224 -11.34 -6.12 -7.41
N ASN D 225 -11.57 -6.08 -8.73
CA ASN D 225 -12.27 -4.95 -9.34
C ASN D 225 -13.63 -4.73 -8.71
N THR D 226 -14.26 -5.78 -8.19
CA THR D 226 -15.58 -5.63 -7.58
C THR D 226 -15.56 -4.76 -6.35
N ARG D 227 -14.41 -4.59 -5.70
CA ARG D 227 -14.34 -3.74 -4.51
C ARG D 227 -14.68 -2.30 -4.85
N THR D 228 -14.17 -1.79 -5.97
CA THR D 228 -14.50 -0.43 -6.38
C THR D 228 -15.99 -0.30 -6.67
N LEU D 229 -16.57 -1.31 -7.32
CA LEU D 229 -18.00 -1.27 -7.60
C LEU D 229 -18.82 -1.27 -6.32
N MET D 230 -18.40 -2.05 -5.32
CA MET D 230 -19.13 -2.09 -4.05
C MET D 230 -19.01 -0.76 -3.32
N LEU D 231 -17.82 -0.13 -3.35
CA LEU D 231 -17.69 1.19 -2.75
C LEU D 231 -18.56 2.21 -3.46
N SER D 232 -18.62 2.12 -4.79
CA SER D 232 -19.49 3.00 -5.56
C SER D 232 -20.95 2.79 -5.18
N VAL D 233 -21.34 1.53 -4.95
CA VAL D 233 -22.71 1.23 -4.53
C VAL D 233 -22.97 1.84 -3.15
N PHE D 234 -21.99 1.77 -2.25
CA PHE D 234 -22.13 2.38 -0.93
C PHE D 234 -22.38 3.88 -1.05
N TYR D 235 -21.52 4.57 -1.84
CA TYR D 235 -21.66 6.01 -2.01
C TYR D 235 -22.90 6.38 -2.81
N PHE D 236 -23.44 5.44 -3.60
CA PHE D 236 -24.71 5.65 -4.27
C PHE D 236 -25.88 5.48 -3.30
N ALA D 237 -25.72 4.61 -2.30
CA ALA D 237 -26.76 4.41 -1.31
C ALA D 237 -26.85 5.55 -0.31
N ILE D 238 -25.72 6.20 -0.01
CA ILE D 238 -25.73 7.31 0.95
C ILE D 238 -26.80 8.34 0.56
N PRO D 239 -26.76 8.93 -0.63
CA PRO D 239 -27.85 9.87 -0.98
C PRO D 239 -29.22 9.19 -0.96
N LEU D 240 -29.29 7.93 -1.39
CA LEU D 240 -30.53 7.19 -1.31
C LEU D 240 -30.98 7.05 0.13
N GLY D 241 -30.03 6.84 1.05
CA GLY D 241 -30.38 6.78 2.45
C GLY D 241 -30.98 8.08 2.96
N SER D 242 -30.35 9.20 2.62
CA SER D 242 -30.87 10.50 3.05
C SER D 242 -32.26 10.75 2.48
N GLY D 243 -32.43 10.48 1.18
CA GLY D 243 -33.74 10.60 0.57
C GLY D 243 -34.75 9.78 1.31
N LEU D 244 -34.55 8.46 1.33
CA LEU D 244 -35.49 7.58 2.02
C LEU D 244 -35.79 8.07 3.42
N GLY D 245 -34.81 8.66 4.11
CA GLY D 245 -35.10 9.24 5.41
C GLY D 245 -36.14 10.35 5.33
N TYR D 246 -35.94 11.30 4.41
CA TYR D 246 -36.90 12.39 4.27
C TYR D 246 -38.28 11.86 3.92
N ILE D 247 -38.36 11.00 2.90
CA ILE D 247 -39.65 10.48 2.46
C ILE D 247 -40.33 9.66 3.55
N THR D 248 -39.59 8.81 4.24
CA THR D 248 -40.20 7.99 5.29
C THR D 248 -40.72 8.86 6.43
N GLY D 249 -39.93 9.86 6.85
CA GLY D 249 -40.41 10.73 7.90
C GLY D 249 -41.69 11.45 7.50
N SER D 250 -41.71 12.02 6.28
CA SER D 250 -42.89 12.74 5.84
C SER D 250 -44.10 11.82 5.75
N SER D 251 -43.92 10.63 5.16
CA SER D 251 -45.04 9.72 4.99
C SER D 251 -45.58 9.24 6.33
N VAL D 252 -44.69 8.91 7.27
CA VAL D 252 -45.15 8.45 8.58
C VAL D 252 -45.89 9.57 9.30
N LYS D 253 -45.36 10.80 9.23
CA LYS D 253 -46.05 11.92 9.86
C LYS D 253 -47.45 12.10 9.26
N GLN D 254 -47.55 12.03 7.93
CA GLN D 254 -48.84 12.22 7.28
C GLN D 254 -49.82 11.12 7.68
N ALA D 255 -49.34 9.87 7.68
CA ALA D 255 -50.25 8.73 7.90
C ALA D 255 -50.64 8.61 9.36
N ALA D 256 -49.65 8.39 10.23
CA ALA D 256 -49.97 8.14 11.64
C ALA D 256 -50.62 9.36 12.29
N GLY D 257 -50.35 10.55 11.78
CA GLY D 257 -50.87 11.77 12.37
C GLY D 257 -50.10 12.28 13.56
N ASP D 258 -49.04 11.59 13.97
CA ASP D 258 -48.20 12.02 15.08
C ASP D 258 -46.74 11.87 14.69
N TRP D 259 -45.92 12.84 15.11
CA TRP D 259 -44.51 12.81 14.77
C TRP D 259 -43.75 11.71 15.50
N HIS D 260 -44.32 11.18 16.59
CA HIS D 260 -43.63 10.13 17.34
C HIS D 260 -43.43 8.89 16.49
N TRP D 261 -44.45 8.50 15.72
CA TRP D 261 -44.35 7.30 14.90
C TRP D 261 -43.19 7.40 13.91
N ALA D 262 -42.81 8.62 13.52
CA ALA D 262 -41.69 8.78 12.59
C ALA D 262 -40.42 8.18 13.17
N LEU D 263 -40.27 8.20 14.48
CA LEU D 263 -39.10 7.62 15.15
C LEU D 263 -39.35 6.21 15.66
N ARG D 264 -40.51 5.63 15.35
CA ARG D 264 -40.84 4.27 15.78
C ARG D 264 -40.76 3.25 14.65
N VAL D 265 -41.13 3.62 13.42
CA VAL D 265 -41.11 2.67 12.32
C VAL D 265 -39.67 2.32 11.95
N SER D 266 -38.82 3.33 11.83
CA SER D 266 -37.47 3.10 11.32
C SER D 266 -36.64 2.21 12.24
N PRO D 267 -36.62 2.40 13.56
CA PRO D 267 -35.85 1.47 14.40
C PRO D 267 -36.24 0.02 14.21
N VAL D 268 -37.54 -0.24 13.99
CA VAL D 268 -37.98 -1.61 13.72
C VAL D 268 -37.27 -2.16 12.49
N LEU D 269 -37.17 -1.34 11.43
CA LEU D 269 -36.41 -1.75 10.26
C LEU D 269 -34.92 -1.86 10.57
N GLY D 270 -34.43 -1.07 11.51
CA GLY D 270 -33.02 -1.10 11.87
C GLY D 270 -32.61 -2.39 12.54
N MET D 271 -33.20 -2.68 13.70
CA MET D 271 -32.81 -3.87 14.44
C MET D 271 -32.83 -5.10 13.56
N ILE D 272 -33.85 -5.21 12.70
CA ILE D 272 -33.94 -6.34 11.78
C ILE D 272 -32.63 -6.52 11.03
N THR D 273 -32.21 -5.49 10.29
CA THR D 273 -31.00 -5.62 9.49
C THR D 273 -29.80 -5.92 10.37
N GLY D 274 -29.81 -5.47 11.62
CA GLY D 274 -28.73 -5.81 12.53
C GLY D 274 -28.56 -7.31 12.67
N THR D 275 -29.68 -8.02 12.87
CA THR D 275 -29.61 -9.47 12.97
C THR D 275 -29.05 -10.09 11.69
N LEU D 276 -29.26 -9.42 10.55
CA LEU D 276 -28.72 -9.94 9.30
C LEU D 276 -27.21 -9.73 9.21
N ILE D 277 -26.69 -8.71 9.89
CA ILE D 277 -25.25 -8.44 9.83
C ILE D 277 -24.46 -9.69 10.20
N LEU D 278 -24.75 -10.25 11.38
CA LEU D 278 -24.05 -11.44 11.83
C LEU D 278 -24.44 -12.69 11.07
N ILE D 279 -25.47 -12.63 10.22
CA ILE D 279 -25.94 -13.81 9.51
C ILE D 279 -25.29 -13.93 8.14
N LEU D 280 -25.15 -12.81 7.42
CA LEU D 280 -24.66 -12.83 6.05
C LEU D 280 -23.27 -12.22 5.86
N VAL D 281 -22.69 -11.64 6.91
CA VAL D 281 -21.39 -10.99 6.82
C VAL D 281 -20.38 -11.85 7.56
N PRO D 282 -19.51 -12.59 6.88
CA PRO D 282 -18.45 -13.31 7.58
C PRO D 282 -17.47 -12.36 8.25
N ALA D 283 -16.87 -12.82 9.35
CA ALA D 283 -15.91 -12.00 10.07
C ALA D 283 -14.73 -11.67 9.18
N THR D 284 -14.32 -10.40 9.21
CA THR D 284 -13.19 -9.95 8.41
C THR D 284 -11.88 -10.49 8.97
N LYS D 285 -10.85 -10.50 8.12
CA LYS D 285 -9.53 -10.97 8.51
C LYS D 285 -8.45 -10.01 8.02
N ALA D 298 3.03 4.40 17.11
CA ALA D 298 2.15 4.87 16.04
C ALA D 298 1.73 6.31 16.29
N ARG D 299 1.62 6.69 17.57
CA ARG D 299 1.23 8.05 17.91
C ARG D 299 2.23 9.06 17.40
N THR D 300 3.54 8.77 17.56
CA THR D 300 4.56 9.69 17.08
C THR D 300 4.51 9.83 15.56
N SER D 301 4.31 8.72 14.85
CA SER D 301 4.21 8.78 13.40
C SER D 301 3.03 9.63 12.95
N TRP D 302 1.88 9.45 13.60
CA TRP D 302 0.70 10.25 13.27
C TRP D 302 0.94 11.72 13.57
N LEU D 303 1.60 12.02 14.68
CA LEU D 303 1.90 13.41 15.02
C LEU D 303 2.80 14.04 13.96
N ARG D 304 3.84 13.30 13.54
CA ARG D 304 4.73 13.82 12.50
C ARG D 304 3.98 14.02 11.19
N ASP D 305 3.11 13.08 10.83
CA ASP D 305 2.30 13.23 9.63
C ASP D 305 1.45 14.50 9.72
N MET D 306 0.74 14.68 10.83
CA MET D 306 -0.08 15.88 10.99
C MET D 306 0.76 17.14 10.86
N LYS D 307 1.94 17.15 11.50
CA LYS D 307 2.83 18.31 11.37
C LYS D 307 3.18 18.56 9.90
N ALA D 308 3.36 17.48 9.13
CA ALA D 308 3.75 17.65 7.73
C ALA D 308 2.60 18.17 6.88
N LEU D 309 1.38 17.68 7.12
CA LEU D 309 0.26 18.04 6.24
C LEU D 309 -0.06 19.53 6.30
N ILE D 310 0.03 20.14 7.47
CA ILE D 310 -0.37 21.54 7.61
C ILE D 310 0.44 22.43 6.66
N ARG D 311 1.67 22.06 6.36
CA ARG D 311 2.48 22.83 5.43
C ARG D 311 2.03 22.68 3.99
N ASN D 312 1.13 21.75 3.70
CA ASN D 312 0.62 21.57 2.34
C ASN D 312 -0.50 22.57 2.09
N ARG D 313 -0.26 23.51 1.18
CA ARG D 313 -1.22 24.58 0.93
C ARG D 313 -2.49 24.03 0.27
N SER D 314 -2.33 23.23 -0.79
CA SER D 314 -3.50 22.74 -1.52
C SER D 314 -4.38 21.87 -0.64
N TYR D 315 -3.77 21.00 0.16
CA TYR D 315 -4.56 20.13 1.03
C TYR D 315 -5.36 20.94 2.04
N VAL D 316 -4.71 21.94 2.66
CA VAL D 316 -5.41 22.75 3.66
C VAL D 316 -6.54 23.53 3.02
N PHE D 317 -6.30 24.10 1.83
CA PHE D 317 -7.35 24.87 1.17
C PHE D 317 -8.52 23.96 0.77
N SER D 318 -8.22 22.75 0.29
CA SER D 318 -9.29 21.82 -0.04
C SER D 318 -10.06 21.41 1.20
N SER D 319 -9.37 21.22 2.32
CA SER D 319 -10.04 20.90 3.57
C SER D 319 -10.99 22.02 3.99
N LEU D 320 -10.54 23.27 3.90
CA LEU D 320 -11.40 24.39 4.23
C LEU D 320 -12.60 24.46 3.29
N ALA D 321 -12.37 24.23 2.00
CA ALA D 321 -13.46 24.28 1.03
C ALA D 321 -14.50 23.21 1.29
N THR D 322 -14.06 21.99 1.59
CA THR D 322 -15.02 20.93 1.91
C THR D 322 -15.70 21.19 3.25
N SER D 323 -15.02 21.88 4.17
CA SER D 323 -15.68 22.29 5.40
C SER D 323 -16.82 23.26 5.10
N ALA D 324 -16.58 24.22 4.21
CA ALA D 324 -17.65 25.13 3.80
C ALA D 324 -18.77 24.36 3.11
N VAL D 325 -18.42 23.37 2.29
CA VAL D 325 -19.43 22.54 1.64
C VAL D 325 -20.28 21.84 2.69
N SER D 326 -19.64 21.28 3.72
CA SER D 326 -20.38 20.62 4.79
C SER D 326 -21.29 21.61 5.51
N PHE D 327 -20.78 22.81 5.79
CA PHE D 327 -21.60 23.83 6.43
C PHE D 327 -22.87 24.09 5.63
N ALA D 328 -22.70 24.37 4.34
CA ALA D 328 -23.86 24.70 3.50
C ALA D 328 -24.82 23.52 3.41
N THR D 329 -24.28 22.33 3.19
CA THR D 329 -25.13 21.14 3.04
C THR D 329 -25.94 20.90 4.31
N GLY D 330 -25.29 20.93 5.47
CA GLY D 330 -26.01 20.71 6.70
C GLY D 330 -27.08 21.76 6.93
N ALA D 331 -26.72 23.04 6.79
CA ALA D 331 -27.68 24.11 7.05
C ALA D 331 -28.89 23.98 6.14
N LEU D 332 -28.65 23.81 4.84
CA LEU D 332 -29.77 23.74 3.90
C LEU D 332 -30.60 22.48 4.12
N GLY D 333 -29.96 21.31 4.18
CA GLY D 333 -30.69 20.09 4.40
C GLY D 333 -31.47 20.08 5.70
N MET D 334 -31.08 20.92 6.66
CA MET D 334 -31.80 20.98 7.93
C MET D 334 -32.94 21.99 7.90
N TRP D 335 -32.77 23.10 7.19
CA TRP D 335 -33.72 24.21 7.29
C TRP D 335 -34.60 24.41 6.06
N ILE D 336 -34.38 23.66 4.98
CA ILE D 336 -35.19 23.83 3.77
C ILE D 336 -36.66 23.48 4.04
N PRO D 337 -36.97 22.35 4.67
CA PRO D 337 -38.39 22.03 4.90
C PRO D 337 -39.11 23.09 5.73
N LEU D 338 -38.49 23.56 6.80
CA LEU D 338 -39.11 24.59 7.63
C LEU D 338 -39.27 25.89 6.85
N TYR D 339 -38.26 26.25 6.05
CA TYR D 339 -38.35 27.47 5.25
C TYR D 339 -39.50 27.37 4.25
N LEU D 340 -39.65 26.23 3.59
CA LEU D 340 -40.73 26.05 2.63
C LEU D 340 -42.09 26.11 3.32
N HIS D 341 -42.20 25.48 4.50
CA HIS D 341 -43.47 25.54 5.23
C HIS D 341 -43.80 26.97 5.64
N ARG D 342 -42.78 27.72 6.08
CA ARG D 342 -43.00 29.12 6.43
C ARG D 342 -43.45 29.93 5.21
N ALA D 343 -42.83 29.69 4.06
CA ALA D 343 -43.24 30.38 2.84
C ALA D 343 -44.68 30.05 2.50
N GLN D 344 -45.07 28.78 2.63
CA GLN D 344 -46.46 28.40 2.36
C GLN D 344 -47.41 29.10 3.33
N VAL D 345 -47.04 29.16 4.61
CA VAL D 345 -47.90 29.77 5.61
C VAL D 345 -48.08 31.25 5.31
N VAL D 346 -46.99 31.94 4.95
CA VAL D 346 -47.08 33.38 4.68
C VAL D 346 -48.05 33.64 3.53
N GLN D 347 -47.97 32.82 2.49
CA GLN D 347 -48.88 32.98 1.36
C GLN D 347 -50.31 32.65 1.79
N LYS D 348 -51.27 33.11 1.00
CA LYS D 348 -52.67 32.89 1.32
C LYS D 348 -52.99 31.40 1.37
N THR D 349 -52.48 30.63 0.42
CA THR D 349 -52.70 29.20 0.36
C THR D 349 -51.50 28.47 0.95
N ALA D 350 -51.77 27.51 1.82
CA ALA D 350 -50.72 26.74 2.48
C ALA D 350 -51.11 25.26 2.48
N GLU D 351 -50.10 24.41 2.58
CA GLU D 351 -50.30 22.97 2.59
C GLU D 351 -51.17 22.55 3.78
N GLY D 359 -47.67 19.98 4.99
CA GLY D 359 -46.23 20.05 4.95
C GLY D 359 -45.59 18.74 4.57
N ALA D 360 -46.34 17.64 4.70
CA ALA D 360 -45.80 16.33 4.35
C ALA D 360 -45.44 16.25 2.88
N LYS D 361 -46.29 16.80 2.01
CA LYS D 361 -46.00 16.78 0.58
C LYS D 361 -44.72 17.55 0.27
N ASP D 362 -44.49 18.67 0.96
CA ASP D 362 -43.29 19.45 0.73
C ASP D 362 -42.04 18.65 1.07
N SER D 363 -42.06 17.96 2.22
CA SER D 363 -40.92 17.13 2.60
C SER D 363 -40.74 15.96 1.64
N LEU D 364 -41.84 15.37 1.17
CA LEU D 364 -41.75 14.31 0.17
C LEU D 364 -41.03 14.79 -1.07
N ILE D 365 -41.47 15.93 -1.62
CA ILE D 365 -40.86 16.47 -2.83
C ILE D 365 -39.40 16.80 -2.57
N PHE D 366 -39.10 17.38 -1.40
CA PHE D 366 -37.72 17.75 -1.10
C PHE D 366 -36.83 16.52 -1.03
N GLY D 367 -37.30 15.45 -0.40
CA GLY D 367 -36.49 14.24 -0.32
C GLY D 367 -36.28 13.58 -1.68
N ALA D 368 -37.33 13.52 -2.49
CA ALA D 368 -37.18 12.97 -3.84
C ALA D 368 -36.17 13.78 -4.63
N ILE D 369 -36.29 15.11 -4.59
CA ILE D 369 -35.35 15.98 -5.28
C ILE D 369 -33.95 15.78 -4.73
N THR D 370 -33.82 15.57 -3.41
CA THR D 370 -32.51 15.42 -2.81
C THR D 370 -31.81 14.17 -3.33
N CYS D 371 -32.51 13.04 -3.33
CA CYS D 371 -31.87 11.80 -3.80
C CYS D 371 -31.56 11.89 -5.30
N PHE D 372 -32.51 12.37 -6.10
CA PHE D 372 -32.26 12.47 -7.53
C PHE D 372 -31.12 13.43 -7.81
N THR D 373 -31.04 14.52 -7.05
CA THR D 373 -29.94 15.47 -7.20
C THR D 373 -28.62 14.83 -6.82
N GLY D 374 -28.58 14.06 -5.74
CA GLY D 374 -27.35 13.36 -5.42
C GLY D 374 -26.86 12.51 -6.57
N PHE D 375 -27.76 11.69 -7.11
CA PHE D 375 -27.35 10.81 -8.21
C PHE D 375 -26.89 11.61 -9.43
N LEU D 376 -27.73 12.54 -9.88
CA LEU D 376 -27.43 13.28 -11.10
C LEU D 376 -26.19 14.14 -10.93
N GLY D 377 -26.02 14.77 -9.77
CA GLY D 377 -24.85 15.58 -9.53
C GLY D 377 -23.57 14.77 -9.50
N VAL D 378 -23.60 13.60 -8.84
CA VAL D 378 -22.42 12.75 -8.85
C VAL D 378 -22.05 12.40 -10.29
N VAL D 379 -23.04 11.95 -11.07
CA VAL D 379 -22.75 11.52 -12.44
C VAL D 379 -22.22 12.69 -13.26
N THR D 380 -22.88 13.84 -13.18
CA THR D 380 -22.51 14.99 -14.00
C THR D 380 -21.16 15.55 -13.59
N GLY D 381 -20.87 15.57 -12.28
CA GLY D 381 -19.56 16.03 -11.84
C GLY D 381 -18.45 15.11 -12.31
N ALA D 382 -18.66 13.79 -12.23
CA ALA D 382 -17.68 12.87 -12.76
C ALA D 382 -17.45 13.12 -14.25
N GLY D 383 -18.53 13.24 -15.01
CA GLY D 383 -18.38 13.47 -16.44
C GLY D 383 -17.67 14.78 -16.75
N ALA D 384 -18.04 15.85 -16.06
CA ALA D 384 -17.46 17.16 -16.33
C ALA D 384 -15.99 17.20 -15.96
N THR D 385 -15.62 16.63 -14.81
CA THR D 385 -14.21 16.63 -14.44
C THR D 385 -13.40 15.74 -15.38
N ARG D 386 -13.97 14.62 -15.83
CA ARG D 386 -13.27 13.80 -16.82
C ARG D 386 -13.06 14.57 -18.12
N TRP D 387 -14.09 15.29 -18.58
CA TRP D 387 -13.94 16.05 -19.81
C TRP D 387 -12.92 17.17 -19.68
N CYS D 388 -12.93 17.86 -18.54
CA CYS D 388 -12.04 19.00 -18.35
C CYS D 388 -10.60 18.60 -18.10
N ARG D 389 -10.37 17.44 -17.46
CA ARG D 389 -9.01 17.02 -17.17
C ARG D 389 -8.22 16.78 -18.46
N LEU D 390 -8.86 16.18 -19.46
CA LEU D 390 -8.17 15.92 -20.72
C LEU D 390 -7.81 17.21 -21.44
N LYS D 391 -8.54 18.29 -21.21
CA LYS D 391 -8.27 19.54 -21.91
C LYS D 391 -7.07 20.26 -21.33
N THR D 392 -7.07 20.48 -20.01
CA THR D 392 -5.98 21.21 -19.36
C THR D 392 -5.87 20.75 -17.92
N GLN D 393 -4.74 21.09 -17.30
CA GLN D 393 -4.47 20.70 -15.92
C GLN D 393 -5.28 21.57 -14.97
N ARG D 394 -5.19 21.26 -13.68
CA ARG D 394 -5.95 21.97 -12.65
C ARG D 394 -7.45 21.93 -12.94
N ALA D 395 -7.89 20.88 -13.63
CA ALA D 395 -9.28 20.82 -14.07
C ALA D 395 -10.22 20.56 -12.90
N ASP D 396 -9.86 19.64 -12.01
CA ASP D 396 -10.75 19.29 -10.90
C ASP D 396 -11.05 20.47 -9.99
N PRO D 397 -10.06 21.21 -9.49
CA PRO D 397 -10.38 22.38 -8.66
C PRO D 397 -11.21 23.42 -9.39
N LEU D 398 -10.94 23.64 -10.69
CA LEU D 398 -11.68 24.65 -11.43
C LEU D 398 -13.14 24.25 -11.61
N VAL D 399 -13.39 22.98 -11.94
CA VAL D 399 -14.78 22.53 -12.07
C VAL D 399 -15.48 22.60 -10.72
N CYS D 400 -14.78 22.24 -9.64
CA CYS D 400 -15.36 22.41 -8.31
C CYS D 400 -15.75 23.85 -8.06
N ALA D 401 -14.85 24.78 -8.36
CA ALA D 401 -15.10 26.20 -8.08
C ALA D 401 -16.29 26.71 -8.90
N VAL D 402 -16.35 26.38 -10.18
CA VAL D 402 -17.44 26.88 -11.02
C VAL D 402 -18.77 26.26 -10.58
N GLY D 403 -18.78 24.96 -10.30
CA GLY D 403 -19.99 24.33 -9.82
C GLY D 403 -20.49 24.93 -8.53
N MET D 404 -19.58 25.21 -7.59
CA MET D 404 -20.01 25.81 -6.33
C MET D 404 -20.43 27.26 -6.51
N LEU D 405 -19.83 28.00 -7.44
CA LEU D 405 -20.30 29.34 -7.71
C LEU D 405 -21.72 29.31 -8.24
N GLY D 406 -22.01 28.40 -9.16
CA GLY D 406 -23.38 28.25 -9.63
C GLY D 406 -24.32 27.84 -8.52
N SER D 407 -23.87 26.93 -7.65
CA SER D 407 -24.69 26.51 -6.52
C SER D 407 -25.00 27.69 -5.60
N ALA D 408 -24.01 28.53 -5.32
CA ALA D 408 -24.25 29.71 -4.49
C ALA D 408 -25.21 30.67 -5.16
N ILE D 409 -25.06 30.88 -6.47
CA ILE D 409 -25.96 31.77 -7.19
C ILE D 409 -27.40 31.26 -7.06
N PHE D 410 -27.60 29.95 -7.24
CA PHE D 410 -28.96 29.43 -7.18
C PHE D 410 -29.50 29.40 -5.75
N ILE D 411 -28.63 29.17 -4.76
CA ILE D 411 -29.07 29.20 -3.37
C ILE D 411 -29.39 30.63 -2.94
N CYS D 412 -28.83 31.63 -3.62
CA CYS D 412 -29.25 33.01 -3.38
C CYS D 412 -30.55 33.32 -4.11
N LEU D 413 -30.73 32.77 -5.31
CA LEU D 413 -31.95 33.00 -6.07
C LEU D 413 -33.16 32.29 -5.47
N ILE D 414 -32.93 31.23 -4.68
CA ILE D 414 -34.03 30.49 -4.10
C ILE D 414 -34.87 31.39 -3.19
N PHE D 415 -34.19 32.28 -2.45
CA PHE D 415 -34.92 33.13 -1.52
C PHE D 415 -35.85 34.09 -2.24
N VAL D 416 -35.40 34.63 -3.37
CA VAL D 416 -36.27 35.49 -4.17
C VAL D 416 -37.38 34.67 -4.82
N ALA D 417 -37.08 33.45 -5.25
CA ALA D 417 -38.06 32.65 -5.97
C ALA D 417 -39.16 32.11 -5.06
N ALA D 418 -38.83 31.79 -3.81
CA ALA D 418 -39.79 31.11 -2.94
C ALA D 418 -41.05 31.95 -2.74
N LYS D 419 -40.88 33.23 -2.42
CA LYS D 419 -42.04 34.08 -2.19
C LYS D 419 -42.91 34.19 -3.44
N SER D 420 -42.29 34.33 -4.60
CA SER D 420 -43.05 34.39 -5.85
C SER D 420 -43.81 33.09 -6.09
N SER D 421 -43.15 31.95 -5.88
CA SER D 421 -43.77 30.65 -6.06
C SER D 421 -42.87 29.59 -5.42
N ILE D 422 -43.48 28.46 -5.07
CA ILE D 422 -42.73 27.39 -4.43
C ILE D 422 -42.06 26.49 -5.48
N VAL D 423 -42.62 26.43 -6.69
CA VAL D 423 -42.01 25.62 -7.74
C VAL D 423 -40.66 26.21 -8.14
N GLY D 424 -40.56 27.53 -8.18
CA GLY D 424 -39.27 28.15 -8.42
C GLY D 424 -38.24 27.76 -7.38
N ALA D 425 -38.64 27.76 -6.11
CA ALA D 425 -37.74 27.35 -5.04
C ALA D 425 -37.35 25.89 -5.20
N TYR D 426 -38.30 25.03 -5.62
CA TYR D 426 -37.98 23.63 -5.79
C TYR D 426 -36.99 23.40 -6.92
N ILE D 427 -37.15 24.11 -8.04
CA ILE D 427 -36.18 23.95 -9.13
C ILE D 427 -34.82 24.53 -8.72
N CYS D 428 -34.83 25.61 -7.93
CA CYS D 428 -33.57 26.13 -7.40
C CYS D 428 -32.89 25.10 -6.52
N ILE D 429 -33.66 24.41 -5.67
CA ILE D 429 -33.10 23.33 -4.86
C ILE D 429 -32.55 22.22 -5.75
N PHE D 430 -33.31 21.85 -6.78
CA PHE D 430 -32.84 20.88 -7.77
C PHE D 430 -31.42 21.22 -8.23
N VAL D 431 -31.27 22.40 -8.84
CA VAL D 431 -29.99 22.76 -9.44
C VAL D 431 -28.91 22.90 -8.38
N GLY D 432 -29.23 23.54 -7.25
CA GLY D 432 -28.23 23.75 -6.22
C GLY D 432 -27.73 22.45 -5.62
N GLU D 433 -28.64 21.52 -5.33
CA GLU D 433 -28.24 20.22 -4.83
C GLU D 433 -27.40 19.47 -5.85
N THR D 434 -27.79 19.53 -7.13
CA THR D 434 -26.98 18.89 -8.16
C THR D 434 -25.55 19.41 -8.13
N LEU D 435 -25.41 20.74 -8.17
CA LEU D 435 -24.07 21.33 -8.21
C LEU D 435 -23.29 21.04 -6.94
N LEU D 436 -23.95 21.11 -5.78
CA LEU D 436 -23.26 20.94 -4.50
C LEU D 436 -22.89 19.48 -4.23
N PHE D 437 -23.60 18.53 -4.83
CA PHE D 437 -23.26 17.12 -4.68
C PHE D 437 -22.34 16.63 -5.78
N SER D 438 -22.21 17.38 -6.88
CA SER D 438 -21.30 16.96 -7.95
C SER D 438 -19.84 17.14 -7.58
N ASN D 439 -19.52 17.93 -6.56
CA ASN D 439 -18.14 18.28 -6.25
C ASN D 439 -17.46 17.30 -5.30
N TRP D 440 -18.21 16.43 -4.63
CA TRP D 440 -17.62 15.60 -3.58
C TRP D 440 -16.57 14.64 -4.14
N ALA D 441 -16.92 13.93 -5.22
CA ALA D 441 -15.95 13.03 -5.83
C ALA D 441 -14.73 13.79 -6.33
N ILE D 442 -14.95 14.99 -6.88
CA ILE D 442 -13.83 15.76 -7.44
C ILE D 442 -12.90 16.24 -6.33
N THR D 443 -13.47 16.72 -5.22
CA THR D 443 -12.62 17.17 -4.12
C THR D 443 -11.91 15.99 -3.45
N ALA D 444 -12.56 14.83 -3.36
CA ALA D 444 -11.87 13.64 -2.85
C ALA D 444 -10.71 13.26 -3.75
N ASP D 445 -10.91 13.33 -5.08
CA ASP D 445 -9.83 13.05 -6.01
C ASP D 445 -8.69 14.05 -5.83
N ILE D 446 -9.02 15.32 -5.66
CA ILE D 446 -7.98 16.33 -5.43
C ILE D 446 -7.19 15.99 -4.17
N LEU D 447 -7.90 15.74 -3.07
CA LEU D 447 -7.25 15.36 -1.82
C LEU D 447 -6.27 14.21 -2.05
N MET D 448 -6.78 13.07 -2.49
CA MET D 448 -5.95 11.88 -2.61
C MET D 448 -4.91 12.02 -3.72
N TYR D 449 -5.05 13.00 -4.62
CA TYR D 449 -3.93 13.37 -5.48
C TYR D 449 -2.82 14.04 -4.68
N VAL D 450 -3.18 15.01 -3.84
CA VAL D 450 -2.16 15.85 -3.19
C VAL D 450 -1.32 15.03 -2.22
N VAL D 451 -1.96 14.16 -1.44
CA VAL D 451 -1.29 13.48 -0.34
C VAL D 451 -0.67 12.18 -0.83
N ILE D 452 0.42 11.77 -0.17
CA ILE D 452 1.20 10.60 -0.56
C ILE D 452 0.57 9.35 0.06
N PRO D 453 0.84 8.15 -0.48
CA PRO D 453 0.16 6.96 0.04
C PRO D 453 0.45 6.67 1.50
N THR D 454 1.66 6.96 1.98
CA THR D 454 2.00 6.71 3.37
C THR D 454 1.22 7.61 4.33
N ARG D 455 0.61 8.69 3.84
CA ARG D 455 -0.11 9.64 4.69
C ARG D 455 -1.54 9.88 4.22
N ARG D 456 -2.12 8.96 3.45
CA ARG D 456 -3.48 9.14 2.98
C ARG D 456 -4.48 8.99 4.11
N ALA D 457 -4.33 7.96 4.95
CA ALA D 457 -5.30 7.71 5.99
C ALA D 457 -5.36 8.86 6.99
N THR D 458 -4.19 9.31 7.45
CA THR D 458 -4.16 10.41 8.42
C THR D 458 -4.72 11.69 7.79
N ALA D 459 -4.35 11.97 6.55
CA ALA D 459 -4.85 13.18 5.89
C ALA D 459 -6.35 13.12 5.72
N VAL D 460 -6.89 11.97 5.34
CA VAL D 460 -8.33 11.83 5.15
C VAL D 460 -9.06 12.02 6.48
N ALA D 461 -8.55 11.39 7.55
CA ALA D 461 -9.18 11.55 8.85
C ALA D 461 -9.14 13.00 9.30
N LEU D 462 -8.00 13.67 9.11
CA LEU D 462 -7.90 15.07 9.49
C LEU D 462 -8.86 15.93 8.69
N GLN D 463 -8.98 15.67 7.38
CA GLN D 463 -9.88 16.45 6.55
C GLN D 463 -11.33 16.25 6.98
N SER D 464 -11.71 15.01 7.28
CA SER D 464 -13.08 14.77 7.74
C SER D 464 -13.35 15.47 9.06
N PHE D 465 -12.41 15.39 10.01
CA PHE D 465 -12.59 16.05 11.29
C PHE D 465 -12.70 17.56 11.11
N THR D 466 -11.83 18.14 10.28
CA THR D 466 -11.88 19.59 10.06
C THR D 466 -13.17 19.99 9.36
N SER D 467 -13.63 19.19 8.40
CA SER D 467 -14.88 19.51 7.71
C SER D 467 -16.05 19.52 8.69
N HIS D 468 -16.14 18.49 9.53
CA HIS D 468 -17.23 18.45 10.49
C HIS D 468 -17.12 19.60 11.51
N LEU D 469 -15.92 19.86 12.01
CA LEU D 469 -15.77 20.88 13.05
C LEU D 469 -16.06 22.26 12.52
N LEU D 470 -15.44 22.64 11.40
CA LEU D 470 -15.65 23.96 10.83
C LEU D 470 -17.08 24.14 10.35
N GLY D 471 -17.63 23.12 9.69
CA GLY D 471 -18.96 23.21 9.13
C GLY D 471 -19.73 21.93 9.35
N ASP D 472 -21.05 22.05 9.34
CA ASP D 472 -22.03 21.00 9.57
C ASP D 472 -22.10 20.62 11.05
N ALA D 473 -21.23 21.18 11.90
CA ALA D 473 -21.31 21.02 13.34
C ALA D 473 -21.35 22.42 13.95
N GLY D 474 -22.44 22.73 14.64
CA GLY D 474 -22.68 24.08 15.09
C GLY D 474 -23.19 25.01 14.02
N SER D 475 -23.37 24.52 12.80
CA SER D 475 -23.91 25.34 11.72
C SER D 475 -25.43 25.44 11.85
N PRO D 476 -26.14 24.32 12.04
CA PRO D 476 -27.58 24.44 12.32
C PRO D 476 -27.87 25.29 13.54
N TYR D 477 -27.06 25.17 14.59
CA TYR D 477 -27.22 26.03 15.75
C TYR D 477 -26.96 27.49 15.39
N LEU D 478 -25.97 27.75 14.56
CA LEU D 478 -25.70 29.14 14.17
C LEU D 478 -26.89 29.72 13.42
N ILE D 479 -27.46 28.95 12.48
CA ILE D 479 -28.62 29.44 11.73
C ILE D 479 -29.79 29.65 12.67
N GLY D 480 -30.04 28.71 13.59
CA GLY D 480 -31.13 28.87 14.52
C GLY D 480 -30.96 30.07 15.42
N PHE D 481 -29.73 30.29 15.90
CA PHE D 481 -29.46 31.45 16.75
C PHE D 481 -29.68 32.75 15.99
N ILE D 482 -29.23 32.81 14.74
CA ILE D 482 -29.45 34.02 13.94
C ILE D 482 -30.93 34.26 13.74
N SER D 483 -31.68 33.20 13.41
CA SER D 483 -33.12 33.35 13.21
C SER D 483 -33.81 33.80 14.49
N ASP D 484 -33.44 33.22 15.63
CA ASP D 484 -34.04 33.61 16.90
C ASP D 484 -33.73 35.07 17.23
N LEU D 485 -32.49 35.50 16.99
CA LEU D 485 -32.14 36.89 17.24
C LEU D 485 -32.94 37.83 16.36
N ILE D 486 -33.07 37.50 15.07
CA ILE D 486 -33.82 38.35 14.17
C ILE D 486 -35.28 38.43 14.61
N ARG D 487 -35.87 37.28 14.97
CA ARG D 487 -37.26 37.27 15.37
C ARG D 487 -37.48 38.04 16.66
N GLN D 488 -36.56 37.89 17.63
CA GLN D 488 -36.71 38.59 18.90
C GLN D 488 -36.54 40.09 18.73
N SER D 489 -35.60 40.52 17.89
CA SER D 489 -35.41 41.95 17.68
C SER D 489 -36.64 42.59 17.05
N THR D 490 -37.27 41.90 16.10
CA THR D 490 -38.45 42.38 15.42
C THR D 490 -39.71 41.77 16.04
N LYS D 491 -40.85 42.01 15.42
CA LYS D 491 -42.10 41.46 15.91
C LYS D 491 -42.18 39.97 15.61
N ASP D 492 -43.09 39.28 16.29
CA ASP D 492 -43.29 37.84 16.15
C ASP D 492 -44.59 37.60 15.40
N SER D 493 -44.50 36.93 14.25
CA SER D 493 -45.66 36.59 13.44
C SER D 493 -45.21 35.69 12.30
N PRO D 494 -46.13 35.03 11.59
CA PRO D 494 -45.70 34.11 10.52
C PRO D 494 -44.80 34.78 9.49
N LEU D 495 -45.15 35.98 9.04
CA LEU D 495 -44.31 36.68 8.08
C LEU D 495 -42.96 37.04 8.69
N TRP D 496 -42.96 37.48 9.94
CA TRP D 496 -41.69 37.79 10.61
C TRP D 496 -40.84 36.54 10.76
N GLU D 497 -41.44 35.42 11.13
CA GLU D 497 -40.68 34.18 11.24
C GLU D 497 -40.09 33.77 9.90
N PHE D 498 -40.90 33.85 8.84
CA PHE D 498 -40.41 33.50 7.50
C PHE D 498 -39.24 34.39 7.09
N LEU D 499 -39.38 35.70 7.30
CA LEU D 499 -38.32 36.62 6.93
C LEU D 499 -37.06 36.37 7.75
N SER D 500 -37.22 36.10 9.05
CA SER D 500 -36.05 35.83 9.89
C SER D 500 -35.33 34.57 9.43
N LEU D 501 -36.08 33.50 9.13
CA LEU D 501 -35.45 32.28 8.65
C LEU D 501 -34.75 32.50 7.32
N GLY D 502 -35.38 33.24 6.42
CA GLY D 502 -34.73 33.55 5.15
C GLY D 502 -33.45 34.32 5.34
N TYR D 503 -33.48 35.35 6.19
CA TYR D 503 -32.28 36.14 6.43
C TYR D 503 -31.18 35.29 7.05
N ALA D 504 -31.53 34.40 7.98
CA ALA D 504 -30.54 33.50 8.55
C ALA D 504 -29.94 32.60 7.49
N LEU D 505 -30.76 32.09 6.58
CA LEU D 505 -30.26 31.22 5.52
C LEU D 505 -29.42 31.97 4.49
N MET D 506 -29.61 33.29 4.36
CA MET D 506 -28.79 34.08 3.44
C MET D 506 -27.30 33.97 3.72
N LEU D 507 -26.90 33.39 4.85
CA LEU D 507 -25.47 33.23 5.13
C LEU D 507 -24.86 32.09 4.33
N CYS D 508 -25.65 31.08 3.96
CA CYS D 508 -25.09 29.92 3.26
C CYS D 508 -24.46 30.29 1.92
N PRO D 509 -25.08 31.12 1.07
CA PRO D 509 -24.40 31.51 -0.17
C PRO D 509 -23.02 32.10 0.05
N PHE D 510 -22.84 32.91 1.09
CA PHE D 510 -21.52 33.46 1.38
C PHE D 510 -20.51 32.35 1.69
N VAL D 511 -20.93 31.36 2.46
CA VAL D 511 -20.03 30.26 2.80
C VAL D 511 -19.69 29.45 1.54
N VAL D 512 -20.67 29.25 0.67
CA VAL D 512 -20.39 28.51 -0.57
C VAL D 512 -19.44 29.29 -1.46
N VAL D 513 -19.60 30.62 -1.52
CA VAL D 513 -18.67 31.43 -2.30
C VAL D 513 -17.27 31.36 -1.72
N LEU D 514 -17.17 31.38 -0.38
CA LEU D 514 -15.86 31.26 0.25
C LEU D 514 -15.24 29.89 -0.07
N GLY D 515 -16.04 28.84 -0.06
CA GLY D 515 -15.53 27.52 -0.44
C GLY D 515 -15.07 27.48 -1.89
N GLY D 516 -15.80 28.16 -2.78
CA GLY D 516 -15.36 28.25 -4.16
C GLY D 516 -14.04 28.99 -4.30
N MET D 517 -13.87 30.06 -3.53
CA MET D 517 -12.59 30.76 -3.52
C MET D 517 -11.47 29.86 -3.01
N PHE D 518 -11.77 29.06 -1.99
CA PHE D 518 -10.78 28.11 -1.48
C PHE D 518 -10.41 27.09 -2.55
N PHE D 519 -11.40 26.59 -3.29
CA PHE D 519 -11.11 25.65 -4.38
C PHE D 519 -10.25 26.31 -5.46
N LEU D 520 -10.53 27.58 -5.78
CA LEU D 520 -9.70 28.29 -6.74
C LEU D 520 -8.25 28.38 -6.24
N ALA D 521 -8.09 28.74 -4.97
CA ALA D 521 -6.75 28.83 -4.41
C ALA D 521 -6.05 27.49 -4.45
N THR D 522 -6.78 26.41 -4.17
CA THR D 522 -6.22 25.07 -4.31
C THR D 522 -5.79 24.81 -5.75
N ALA D 523 -6.62 25.25 -6.71
CA ALA D 523 -6.23 25.17 -8.11
C ALA D 523 -4.89 25.85 -8.34
N LEU D 524 -4.66 26.97 -7.67
CA LEU D 524 -3.38 27.67 -7.83
C LEU D 524 -2.21 26.81 -7.39
N PHE D 525 -2.35 26.10 -6.27
CA PHE D 525 -1.28 25.30 -5.69
C PHE D 525 -1.43 23.81 -5.98
N PHE D 526 -2.01 23.44 -7.12
CA PHE D 526 -2.30 22.04 -7.40
C PHE D 526 -1.12 21.33 -8.04
N VAL D 527 -0.63 21.84 -9.16
CA VAL D 527 0.42 21.15 -9.92
C VAL D 527 1.69 21.03 -9.09
N SER D 528 2.08 22.10 -8.40
CA SER D 528 3.30 22.07 -7.61
C SER D 528 3.20 21.04 -6.50
N ASP D 529 2.09 21.04 -5.77
CA ASP D 529 1.92 20.09 -4.67
C ASP D 529 1.88 18.66 -5.19
N ARG D 530 1.25 18.43 -6.34
CA ARG D 530 1.25 17.08 -6.91
C ARG D 530 2.64 16.64 -7.30
N ALA D 531 3.43 17.54 -7.91
CA ALA D 531 4.80 17.20 -8.26
C ALA D 531 5.62 16.85 -7.02
N ARG D 532 5.49 17.66 -5.97
CA ARG D 532 6.15 17.33 -4.71
C ARG D 532 5.73 15.94 -4.24
N ALA D 533 4.43 15.75 -4.02
CA ALA D 533 3.92 14.45 -3.59
C ALA D 533 4.56 13.32 -4.37
N GLU D 534 4.65 13.47 -5.70
CA GLU D 534 5.32 12.45 -6.50
C GLU D 534 6.77 12.29 -6.09
N GLN D 535 7.47 13.40 -5.84
CA GLN D 535 8.87 13.30 -5.43
C GLN D 535 9.03 12.51 -4.15
N GLN D 536 8.27 12.88 -3.10
CA GLN D 536 8.35 12.13 -1.85
C GLN D 536 7.87 10.69 -2.02
N VAL D 537 7.02 10.41 -3.00
CA VAL D 537 6.62 9.03 -3.25
C VAL D 537 7.79 8.24 -3.83
N ASN D 538 8.56 8.86 -4.72
CA ASN D 538 9.65 8.15 -5.38
C ASN D 538 10.67 7.66 -4.38
N GLN D 539 11.03 8.48 -3.41
CA GLN D 539 12.00 8.09 -2.39
C GLN D 539 11.32 7.32 -1.26
O1B LMT E . -17.96 13.86 3.87
C1' LMT E . -21.92 14.57 4.86
C2' LMT E . -21.49 13.08 4.86
C3' LMT E . -19.95 12.93 4.78
C4' LMT E . -19.36 13.82 3.69
C5' LMT E . -19.92 15.23 3.96
C6' LMT E . -19.27 16.31 3.14
O1' LMT E . -23.27 14.68 4.67
O2' LMT E . -21.93 12.52 6.03
O3' LMT E . -19.61 11.63 4.57
O5' LMT E . -21.30 15.24 3.77
O6' LMT E . -18.31 15.70 2.38
C1 LMT E . -23.71 14.55 3.32
C2 LMT E . -24.96 13.73 3.42
C3 LMT E . -25.99 13.96 2.36
C4 LMT E . -26.70 15.25 2.67
C5 LMT E . -27.86 15.45 1.76
C6 LMT E . -28.86 16.42 2.30
C7 LMT E . -28.28 17.81 2.30
C8 LMT E . -29.07 18.66 1.36
C9 LMT E . -28.42 19.96 1.02
C10 LMT E . -29.43 20.78 0.27
C11 LMT E . -28.74 21.81 -0.59
C12 LMT E . -29.72 22.72 -1.24
H1' LMT E . -21.62 14.96 5.69
H2' LMT E . -21.86 12.68 4.05
H3' LMT E . -19.61 13.28 5.63
H4' LMT E . -19.64 13.50 2.82
H5' LMT E . -19.67 15.42 4.88
H6D LMT E . -18.92 16.99 3.74
H6E LMT E . -19.96 16.80 2.66
H2O2 LMT E . -22.74 12.27 5.88
H6' LMT E . -18.73 15.32 1.74
H12 LMT E . -23.07 14.13 2.73
H11 LMT E . -23.87 15.42 2.92
H22 LMT E . -25.37 13.90 4.28
H21 LMT E . -24.72 12.79 3.42
H32 LMT E . -26.62 13.23 2.30
H31 LMT E . -25.58 14.02 1.48
H42 LMT E . -26.08 15.99 2.63
H41 LMT E . -27.01 15.24 3.59
H52 LMT E . -28.29 14.60 1.58
H51 LMT E . -27.53 15.76 0.90
H62 LMT E . -29.11 16.17 3.21
H61 LMT E . -29.68 16.39 1.79
H72 LMT E . -27.36 17.79 2.03
H71 LMT E . -28.29 18.18 3.20
H82 LMT E . -29.95 18.83 1.74
H81 LMT E . -29.25 18.17 0.54
H92 LMT E . -27.62 19.83 0.50
H91 LMT E . -28.12 20.41 1.83
H102 LMT E . -30.03 21.21 0.89
H101 LMT E . -29.98 20.21 -0.27
H112 LMT E . -28.21 21.36 -1.25
H111 LMT E . -28.13 22.32 -0.04
H123 LMT E . -29.31 23.21 -1.97
H122 LMT E . -30.08 23.37 -0.62
H121 LMT E . -30.46 22.21 -1.61
#